data_8T5Q
#
_entry.id   8T5Q
#
_cell.length_a   135.200
_cell.length_b   84.220
_cell.length_c   124.390
_cell.angle_alpha   90.000
_cell.angle_beta   118.820
_cell.angle_gamma   90.000
#
_symmetry.space_group_name_H-M   'C 1 2 1'
#
loop_
_entity.id
_entity.type
_entity.pdbx_description
1 polymer 'TNF receptor-associated factor 2'
2 polymer 'ORF3a protein'
3 non-polymer 'TETRAETHYLENE GLYCOL'
4 non-polymer DI(HYDROXYETHYL)ETHER
5 water water
#
loop_
_entity_poly.entity_id
_entity_poly.type
_entity_poly.pdbx_seq_one_letter_code
_entity_poly.pdbx_strand_id
1 'polypeptide(L)'
;SEALSSKVQQLERSIGLKDLAMADLEQKVLEMEASTYDGVFIWKISDFARKRQEAVAGRIPAIFSPAFYTSRYGYKMCLR
IYLNGDGTGRGTHLSLFFVVMKGPNDALLRWPFNQKVTLMLLDQNNREHVIDAFRPDVTSSSFQRPVNDMNIASGCPLFC
PVSKMEAKNSYVRDDAIFIKAIVDLTGL
;
A,B,C,D,E,F
2 'polypeptide(L)' PIQAS G,H,I
#
# COMPACT_ATOMS: atom_id res chain seq x y z
N ALA A 21 -39.06 -24.35 -14.55
CA ALA A 21 -38.81 -22.93 -14.83
C ALA A 21 -38.23 -22.24 -13.61
N MET A 22 -39.10 -21.60 -12.82
CA MET A 22 -38.69 -20.98 -11.56
C MET A 22 -37.96 -21.95 -10.66
N ALA A 23 -38.56 -23.12 -10.40
CA ALA A 23 -37.97 -24.07 -9.47
C ALA A 23 -36.66 -24.62 -10.00
N ASP A 24 -36.56 -24.83 -11.32
CA ASP A 24 -35.32 -25.31 -11.92
C ASP A 24 -34.18 -24.34 -11.64
N LEU A 25 -34.42 -23.05 -11.90
CA LEU A 25 -33.39 -22.03 -11.69
C LEU A 25 -33.08 -21.87 -10.20
N GLU A 26 -34.11 -22.01 -9.35
CA GLU A 26 -33.89 -21.99 -7.91
C GLU A 26 -32.95 -23.11 -7.48
N GLN A 27 -33.18 -24.32 -7.97
CA GLN A 27 -32.27 -25.41 -7.65
C GLN A 27 -30.87 -25.10 -8.15
N LYS A 28 -30.74 -24.55 -9.35
CA LYS A 28 -29.41 -24.23 -9.85
C LYS A 28 -28.70 -23.26 -8.92
N VAL A 29 -29.42 -22.24 -8.44
CA VAL A 29 -28.82 -21.24 -7.56
C VAL A 29 -28.38 -21.86 -6.23
N LEU A 30 -29.24 -22.68 -5.62
CA LEU A 30 -28.84 -23.29 -4.35
C LEU A 30 -27.68 -24.27 -4.52
N GLU A 31 -27.70 -25.06 -5.60
CA GLU A 31 -26.56 -25.93 -5.90
C GLU A 31 -25.28 -25.11 -6.02
N MET A 32 -25.34 -23.99 -6.73
CA MET A 32 -24.14 -23.19 -6.91
C MET A 32 -23.69 -22.56 -5.57
N GLU A 33 -24.64 -22.13 -4.73
CA GLU A 33 -24.33 -21.70 -3.37
C GLU A 33 -23.57 -22.75 -2.57
N ALA A 34 -23.90 -24.03 -2.76
CA ALA A 34 -23.24 -25.01 -1.90
C ALA A 34 -21.96 -25.59 -2.49
N SER A 35 -21.72 -25.45 -3.78
CA SER A 35 -20.68 -26.25 -4.43
C SER A 35 -19.30 -25.84 -3.95
N THR A 36 -18.43 -26.83 -3.81
CA THR A 36 -17.01 -26.64 -3.58
C THR A 36 -16.23 -27.43 -4.62
N TYR A 37 -14.97 -27.06 -4.80
CA TYR A 37 -14.18 -27.61 -5.91
C TYR A 37 -12.81 -28.06 -5.45
N ASP A 38 -12.69 -28.42 -4.17
CA ASP A 38 -11.42 -28.91 -3.67
C ASP A 38 -11.60 -30.21 -2.90
N GLY A 39 -12.70 -30.92 -3.15
CA GLY A 39 -12.94 -32.18 -2.47
C GLY A 39 -13.26 -32.07 -1.00
N VAL A 40 -13.42 -30.87 -0.46
CA VAL A 40 -13.80 -30.67 0.94
C VAL A 40 -15.19 -30.06 0.99
N PHE A 41 -16.08 -30.71 1.73
CA PHE A 41 -17.48 -30.30 1.75
C PHE A 41 -18.00 -30.32 3.19
N ILE A 42 -18.69 -29.27 3.59
CA ILE A 42 -19.39 -29.25 4.86
C ILE A 42 -20.88 -29.05 4.60
N TRP A 43 -21.68 -29.98 5.08
CA TRP A 43 -23.11 -30.06 4.91
C TRP A 43 -23.76 -29.73 6.25
N LYS A 44 -24.38 -28.56 6.35
CA LYS A 44 -25.10 -28.21 7.56
C LYS A 44 -26.54 -28.67 7.40
N ILE A 45 -26.99 -29.55 8.28
CA ILE A 45 -28.36 -30.02 8.29
C ILE A 45 -29.06 -29.32 9.44
N SER A 46 -29.88 -28.31 9.09
CA SER A 46 -30.69 -27.57 10.06
C SER A 46 -32.04 -28.25 10.24
N ASP A 47 -32.79 -27.79 11.23
CA ASP A 47 -34.08 -28.39 11.59
C ASP A 47 -33.90 -29.88 11.81
N PHE A 48 -32.85 -30.21 12.54
CA PHE A 48 -32.45 -31.60 12.69
C PHE A 48 -33.54 -32.45 13.35
N ALA A 49 -34.17 -31.95 14.41
CA ALA A 49 -35.11 -32.79 15.14
C ALA A 49 -36.30 -33.18 14.27
N ARG A 50 -36.85 -32.23 13.51
CA ARG A 50 -37.98 -32.54 12.65
C ARG A 50 -37.57 -33.54 11.54
N LYS A 51 -36.40 -33.33 10.94
CA LYS A 51 -35.95 -34.23 9.88
C LYS A 51 -35.71 -35.64 10.41
N ARG A 52 -35.16 -35.74 11.63
CA ARG A 52 -34.97 -37.06 12.22
C ARG A 52 -36.31 -37.74 12.50
N GLN A 53 -37.28 -36.98 13.05
CA GLN A 53 -38.59 -37.59 13.25
C GLN A 53 -39.24 -38.00 11.92
N GLU A 54 -38.99 -37.23 10.86
CA GLU A 54 -39.47 -37.57 9.53
C GLU A 54 -38.87 -38.88 9.05
N ALA A 55 -37.61 -39.13 9.39
CA ALA A 55 -36.98 -40.42 9.09
C ALA A 55 -37.56 -41.54 9.94
N VAL A 56 -37.73 -41.28 11.25
CA VAL A 56 -38.25 -42.30 12.16
C VAL A 56 -39.63 -42.76 11.71
N ALA A 57 -40.45 -41.82 11.25
CA ALA A 57 -41.80 -42.15 10.78
C ALA A 57 -41.82 -42.75 9.37
N GLY A 58 -40.69 -42.77 8.67
CA GLY A 58 -40.64 -43.32 7.33
C GLY A 58 -41.15 -42.41 6.24
N ARG A 59 -41.53 -41.17 6.57
CA ARG A 59 -42.01 -40.24 5.56
C ARG A 59 -40.88 -39.77 4.65
N ILE A 60 -39.72 -39.42 5.24
CA ILE A 60 -38.53 -39.07 4.46
C ILE A 60 -37.36 -39.89 4.98
N PRO A 61 -37.16 -41.10 4.48
CA PRO A 61 -36.05 -41.93 4.99
C PRO A 61 -34.67 -41.32 4.81
N ALA A 62 -34.43 -40.62 3.70
CA ALA A 62 -33.07 -40.19 3.38
C ALA A 62 -33.10 -38.80 2.75
N ILE A 63 -31.96 -38.13 2.86
CA ILE A 63 -31.73 -36.79 2.30
C ILE A 63 -30.42 -36.81 1.52
N PHE A 64 -30.43 -36.21 0.32
CA PHE A 64 -29.22 -35.95 -0.45
C PHE A 64 -28.63 -34.60 -0.09
N SER A 65 -27.30 -34.53 -0.04
CA SER A 65 -26.60 -33.26 0.07
C SER A 65 -26.53 -32.57 -1.29
N PRO A 66 -26.17 -31.29 -1.31
CA PRO A 66 -25.78 -30.68 -2.58
C PRO A 66 -24.53 -31.34 -3.14
N ALA A 67 -24.28 -31.09 -4.43
CA ALA A 67 -23.11 -31.68 -5.09
C ALA A 67 -21.83 -30.91 -4.80
N PHE A 68 -20.71 -31.62 -4.82
CA PHE A 68 -19.40 -30.97 -4.76
C PHE A 68 -18.41 -31.73 -5.65
N TYR A 69 -17.20 -31.16 -5.80
CA TYR A 69 -16.29 -31.61 -6.85
C TYR A 69 -14.88 -31.77 -6.29
N THR A 70 -14.07 -32.63 -6.94
CA THR A 70 -12.68 -32.79 -6.52
C THR A 70 -11.79 -31.67 -7.03
N SER A 71 -12.19 -31.04 -8.12
CA SER A 71 -11.46 -29.91 -8.72
C SER A 71 -12.46 -29.16 -9.58
N ARG A 72 -12.01 -28.06 -10.21
CA ARG A 72 -12.95 -27.21 -10.94
C ARG A 72 -13.68 -28.00 -12.02
N TYR A 73 -12.99 -28.93 -12.68
CA TYR A 73 -13.56 -29.82 -13.70
C TYR A 73 -13.42 -31.28 -13.32
N GLY A 74 -13.54 -31.59 -12.02
CA GLY A 74 -13.29 -32.94 -11.52
C GLY A 74 -14.56 -33.76 -11.36
N TYR A 75 -14.45 -34.81 -10.53
CA TYR A 75 -15.59 -35.67 -10.23
C TYR A 75 -16.70 -34.88 -9.56
N LYS A 76 -17.93 -35.21 -9.91
CA LYS A 76 -19.09 -34.67 -9.22
C LYS A 76 -19.61 -35.70 -8.22
N MET A 77 -19.85 -35.26 -6.98
CA MET A 77 -20.23 -36.16 -5.91
C MET A 77 -21.28 -35.49 -5.02
N CYS A 78 -22.00 -36.32 -4.25
CA CYS A 78 -22.82 -35.81 -3.16
C CYS A 78 -22.88 -36.85 -2.06
N LEU A 79 -23.55 -36.50 -0.96
CA LEU A 79 -23.77 -37.41 0.15
C LEU A 79 -25.24 -37.79 0.22
N ARG A 80 -25.51 -38.90 0.90
CA ARG A 80 -26.87 -39.33 1.19
C ARG A 80 -26.92 -39.83 2.62
N ILE A 81 -27.87 -39.31 3.40
CA ILE A 81 -27.94 -39.61 4.83
C ILE A 81 -29.30 -40.20 5.16
N TYR A 82 -29.30 -41.16 6.08
CA TYR A 82 -30.50 -41.74 6.66
C TYR A 82 -30.45 -41.43 8.14
N LEU A 83 -31.27 -40.48 8.57
CA LEU A 83 -31.25 -40.04 9.97
C LEU A 83 -31.77 -41.10 10.94
N ASN A 84 -32.48 -42.12 10.44
CA ASN A 84 -32.85 -43.27 11.25
C ASN A 84 -32.32 -44.57 10.67
N GLY A 85 -31.33 -44.50 9.78
CA GLY A 85 -30.53 -45.64 9.40
C GLY A 85 -31.06 -46.39 8.19
N ASP A 86 -30.15 -47.14 7.57
CA ASP A 86 -30.45 -47.97 6.41
C ASP A 86 -29.73 -49.31 6.57
N GLY A 87 -30.36 -50.37 6.07
CA GLY A 87 -29.71 -51.68 6.12
C GLY A 87 -29.44 -52.12 7.54
N THR A 88 -28.19 -52.50 7.81
CA THR A 88 -27.84 -52.97 9.15
C THR A 88 -27.97 -51.86 10.20
N GLY A 89 -27.98 -50.60 9.76
CA GLY A 89 -28.18 -49.47 10.67
C GLY A 89 -29.61 -49.07 10.93
N ARG A 90 -30.58 -49.72 10.28
CA ARG A 90 -31.98 -49.32 10.39
C ARG A 90 -32.43 -49.31 11.85
N GLY A 91 -32.96 -48.18 12.30
CA GLY A 91 -33.53 -48.06 13.62
C GLY A 91 -32.55 -47.77 14.74
N THR A 92 -31.26 -47.86 14.49
CA THR A 92 -30.26 -47.71 15.54
C THR A 92 -29.15 -46.74 15.20
N HIS A 93 -28.90 -46.42 13.93
CA HIS A 93 -27.79 -45.55 13.55
C HIS A 93 -28.23 -44.52 12.53
N LEU A 94 -27.55 -43.39 12.54
CA LEU A 94 -27.45 -42.57 11.35
C LEU A 94 -26.60 -43.30 10.35
N SER A 95 -27.09 -43.47 9.13
CA SER A 95 -26.32 -44.09 8.06
C SER A 95 -25.90 -43.03 7.05
N LEU A 96 -24.64 -43.07 6.62
CA LEU A 96 -24.15 -42.02 5.72
C LEU A 96 -23.41 -42.64 4.54
N PHE A 97 -23.77 -42.23 3.33
CA PHE A 97 -23.23 -42.81 2.11
C PHE A 97 -22.70 -41.72 1.18
N PHE A 98 -21.72 -42.10 0.37
CA PHE A 98 -21.09 -41.29 -0.67
C PHE A 98 -21.68 -41.66 -2.03
N VAL A 99 -21.89 -40.65 -2.90
CA VAL A 99 -22.47 -40.86 -4.21
C VAL A 99 -21.58 -40.23 -5.26
N VAL A 100 -21.19 -41.03 -6.25
CA VAL A 100 -20.57 -40.52 -7.48
C VAL A 100 -21.68 -40.19 -8.45
N MET A 101 -21.77 -38.92 -8.88
CA MET A 101 -22.81 -38.42 -9.78
C MET A 101 -22.24 -38.31 -11.19
N LYS A 102 -23.13 -38.30 -12.17
CA LYS A 102 -22.70 -37.98 -13.53
C LYS A 102 -22.22 -36.54 -13.58
N GLY A 103 -20.94 -36.33 -13.87
CA GLY A 103 -20.40 -35.00 -13.96
C GLY A 103 -20.25 -34.56 -15.41
N PRO A 104 -20.28 -33.24 -15.65
CA PRO A 104 -20.11 -32.73 -17.02
C PRO A 104 -18.79 -33.13 -17.67
N ASN A 105 -17.74 -33.34 -16.87
CA ASN A 105 -16.43 -33.60 -17.43
C ASN A 105 -16.00 -35.04 -17.26
N ASP A 106 -16.94 -35.96 -17.04
CA ASP A 106 -16.56 -37.35 -16.75
C ASP A 106 -15.68 -37.95 -17.84
N ALA A 107 -15.87 -37.52 -19.09
CA ALA A 107 -15.09 -38.09 -20.18
C ALA A 107 -13.60 -37.75 -20.05
N LEU A 108 -13.25 -36.72 -19.27
CA LEU A 108 -11.86 -36.34 -19.06
C LEU A 108 -11.23 -37.02 -17.85
N LEU A 109 -11.99 -37.78 -17.07
CA LEU A 109 -11.51 -38.26 -15.77
C LEU A 109 -11.14 -39.74 -15.83
N ARG A 110 -10.30 -40.16 -14.88
CA ARG A 110 -9.96 -41.58 -14.75
C ARG A 110 -11.12 -42.36 -14.12
N TRP A 111 -11.38 -43.54 -14.66
CA TRP A 111 -12.40 -44.43 -14.12
C TRP A 111 -11.82 -45.84 -13.99
N PRO A 112 -12.17 -46.57 -12.93
CA PRO A 112 -13.08 -46.21 -11.85
C PRO A 112 -12.57 -45.13 -10.89
N PHE A 113 -13.51 -44.47 -10.22
CA PHE A 113 -13.18 -43.56 -9.13
C PHE A 113 -12.42 -44.31 -8.05
N ASN A 114 -11.28 -43.74 -7.62
CA ASN A 114 -10.36 -44.48 -6.76
C ASN A 114 -9.73 -43.60 -5.68
N GLN A 115 -10.43 -42.57 -5.22
CA GLN A 115 -9.92 -41.69 -4.17
C GLN A 115 -10.45 -42.09 -2.80
N LYS A 116 -9.58 -42.06 -1.80
CA LYS A 116 -10.02 -42.26 -0.42
C LYS A 116 -11.06 -41.22 -0.02
N VAL A 117 -12.08 -41.65 0.71
CA VAL A 117 -13.16 -40.78 1.18
C VAL A 117 -13.19 -40.84 2.70
N THR A 118 -13.15 -39.67 3.35
CA THR A 118 -13.28 -39.54 4.79
C THR A 118 -14.57 -38.79 5.08
N LEU A 119 -15.35 -39.30 6.03
CA LEU A 119 -16.65 -38.76 6.37
C LEU A 119 -16.71 -38.50 7.87
N MET A 120 -17.18 -37.32 8.27
CA MET A 120 -17.26 -37.03 9.70
C MET A 120 -18.57 -36.35 10.07
N LEU A 121 -19.00 -36.64 11.29
CA LEU A 121 -20.01 -35.85 11.99
C LEU A 121 -19.26 -35.01 13.01
N LEU A 122 -19.36 -33.69 12.89
CA LEU A 122 -18.50 -32.81 13.67
C LEU A 122 -19.04 -32.63 15.07
N ASP A 123 -18.15 -32.76 16.05
CA ASP A 123 -18.39 -32.28 17.40
C ASP A 123 -18.34 -30.76 17.40
N GLN A 124 -19.42 -30.11 17.81
CA GLN A 124 -19.42 -28.66 17.84
C GLN A 124 -18.71 -28.09 19.06
N ASN A 125 -18.22 -28.95 19.98
CA ASN A 125 -17.20 -28.55 20.94
C ASN A 125 -15.79 -28.80 20.41
N ASN A 126 -15.67 -29.47 19.27
CA ASN A 126 -14.42 -29.78 18.59
C ASN A 126 -13.55 -30.78 19.33
N ARG A 127 -14.09 -31.49 20.33
CA ARG A 127 -13.27 -32.44 21.07
C ARG A 127 -13.22 -33.82 20.42
N GLU A 128 -14.38 -34.38 20.05
CA GLU A 128 -14.46 -35.78 19.64
C GLU A 128 -15.41 -35.89 18.44
N HIS A 129 -14.86 -35.78 17.24
CA HIS A 129 -15.63 -35.96 16.03
C HIS A 129 -15.93 -37.43 15.80
N VAL A 130 -17.03 -37.71 15.12
CA VAL A 130 -17.24 -39.05 14.56
C VAL A 130 -16.57 -39.09 13.20
N ILE A 131 -15.68 -40.05 12.97
CA ILE A 131 -14.99 -40.08 11.69
C ILE A 131 -14.93 -41.51 11.18
N ASP A 132 -15.17 -41.67 9.89
CA ASP A 132 -15.05 -42.94 9.20
C ASP A 132 -14.34 -42.66 7.89
N ALA A 133 -13.86 -43.71 7.24
CA ALA A 133 -13.14 -43.54 5.99
C ALA A 133 -13.14 -44.85 5.23
N PHE A 134 -12.99 -44.76 3.91
CA PHE A 134 -12.84 -45.98 3.11
C PHE A 134 -12.14 -45.67 1.80
N ARG A 135 -11.59 -46.72 1.21
CA ARG A 135 -11.15 -46.62 -0.17
C ARG A 135 -12.16 -47.30 -1.08
N PRO A 136 -12.44 -46.73 -2.25
CA PRO A 136 -13.44 -47.32 -3.13
C PRO A 136 -13.11 -48.76 -3.50
N ASP A 137 -14.17 -49.57 -3.58
CA ASP A 137 -14.09 -50.90 -4.17
C ASP A 137 -14.24 -50.70 -5.68
N VAL A 138 -13.12 -50.77 -6.40
CA VAL A 138 -13.10 -50.46 -7.83
C VAL A 138 -13.85 -51.48 -8.66
N THR A 139 -14.20 -52.63 -8.10
CA THR A 139 -15.10 -53.56 -8.74
C THR A 139 -16.59 -53.18 -8.61
N SER A 140 -16.94 -52.27 -7.70
CA SER A 140 -18.34 -51.99 -7.43
C SER A 140 -18.93 -51.06 -8.47
N SER A 141 -20.21 -51.29 -8.82
CA SER A 141 -20.88 -50.36 -9.73
C SER A 141 -20.90 -48.95 -9.17
N SER A 142 -20.80 -48.80 -7.85
CA SER A 142 -20.83 -47.48 -7.23
C SER A 142 -19.73 -46.55 -7.72
N PHE A 143 -18.65 -47.08 -8.29
CA PHE A 143 -17.48 -46.28 -8.63
C PHE A 143 -17.13 -46.33 -10.11
N GLN A 144 -17.99 -46.92 -10.93
CA GLN A 144 -17.81 -46.90 -12.37
C GLN A 144 -18.19 -45.52 -12.91
N ARG A 145 -17.84 -45.27 -14.17
CA ARG A 145 -18.30 -44.03 -14.78
C ARG A 145 -19.82 -44.05 -14.86
N PRO A 146 -20.50 -43.05 -14.30
CA PRO A 146 -21.96 -43.07 -14.23
C PRO A 146 -22.61 -43.11 -15.61
N VAL A 147 -23.67 -43.91 -15.72
CA VAL A 147 -24.54 -43.86 -16.88
C VAL A 147 -25.85 -43.12 -16.57
N ASN A 148 -26.35 -43.19 -15.35
CA ASN A 148 -27.50 -42.40 -14.92
C ASN A 148 -27.01 -41.19 -14.15
N ASP A 149 -27.97 -40.41 -13.63
CA ASP A 149 -27.60 -39.18 -12.91
C ASP A 149 -26.71 -39.49 -11.71
N MET A 150 -26.96 -40.60 -11.02
CA MET A 150 -26.13 -41.03 -9.90
C MET A 150 -25.90 -42.53 -9.95
N ASN A 151 -24.71 -42.95 -9.49
CA ASN A 151 -24.46 -44.34 -9.15
C ASN A 151 -25.14 -44.68 -7.84
N ILE A 152 -25.22 -45.98 -7.56
CA ILE A 152 -25.72 -46.44 -6.27
C ILE A 152 -24.81 -45.89 -5.18
N ALA A 153 -25.41 -45.36 -4.12
CA ALA A 153 -24.63 -44.80 -3.02
C ALA A 153 -23.94 -45.90 -2.22
N SER A 154 -22.74 -45.58 -1.71
CA SER A 154 -21.95 -46.56 -0.95
C SER A 154 -21.26 -45.87 0.21
N GLY A 155 -21.14 -46.57 1.33
CA GLY A 155 -20.57 -45.93 2.51
C GLY A 155 -20.78 -46.69 3.80
N CYS A 156 -21.28 -46.01 4.83
CA CYS A 156 -21.26 -46.52 6.20
C CYS A 156 -22.67 -46.62 6.79
N PRO A 157 -23.30 -47.79 6.73
CA PRO A 157 -24.61 -47.94 7.37
C PRO A 157 -24.58 -47.75 8.88
N LEU A 158 -23.45 -48.03 9.53
CA LEU A 158 -23.32 -47.90 10.98
C LEU A 158 -22.54 -46.65 11.35
N PHE A 159 -22.80 -45.53 10.66
CA PHE A 159 -21.94 -44.37 10.78
C PHE A 159 -21.93 -43.82 12.21
N CYS A 160 -23.12 -43.65 12.79
CA CYS A 160 -23.21 -43.07 14.14
C CYS A 160 -24.48 -43.55 14.86
N PRO A 161 -24.35 -44.06 16.09
CA PRO A 161 -25.55 -44.48 16.83
C PRO A 161 -26.49 -43.31 17.09
N VAL A 162 -27.79 -43.58 16.93
CA VAL A 162 -28.83 -42.59 17.19
C VAL A 162 -28.79 -42.11 18.64
N SER A 163 -28.38 -42.99 19.56
CA SER A 163 -28.32 -42.62 20.97
C SER A 163 -27.35 -41.48 21.22
N LYS A 164 -26.23 -41.45 20.48
CA LYS A 164 -25.32 -40.32 20.61
C LYS A 164 -26.02 -39.01 20.24
N MET A 165 -26.98 -39.05 19.33
CA MET A 165 -27.72 -37.86 18.91
C MET A 165 -28.77 -37.48 19.95
N GLU A 166 -29.38 -38.49 20.58
CA GLU A 166 -30.55 -38.26 21.42
C GLU A 166 -30.17 -37.83 22.85
N ALA A 167 -29.10 -38.40 23.40
CA ALA A 167 -28.66 -38.00 24.72
C ALA A 167 -27.95 -36.66 24.66
N LYS A 168 -27.65 -36.11 25.85
CA LYS A 168 -26.93 -34.84 25.96
C LYS A 168 -25.65 -34.87 25.15
N ASN A 169 -25.57 -34.00 24.14
CA ASN A 169 -24.44 -34.13 23.23
C ASN A 169 -24.14 -32.79 22.57
N SER A 170 -22.94 -32.69 22.03
CA SER A 170 -22.52 -31.51 21.30
C SER A 170 -22.48 -31.73 19.80
N TYR A 171 -22.98 -32.87 19.28
CA TYR A 171 -23.13 -33.00 17.83
C TYR A 171 -24.32 -32.20 17.33
N VAL A 172 -25.44 -32.26 18.03
CA VAL A 172 -26.60 -31.43 17.73
C VAL A 172 -26.54 -30.19 18.59
N ARG A 173 -26.44 -29.03 17.94
CA ARG A 173 -26.48 -27.77 18.68
C ARG A 173 -27.32 -26.79 17.89
N ASP A 174 -28.20 -26.08 18.60
CA ASP A 174 -29.16 -25.16 17.98
C ASP A 174 -29.88 -25.84 16.81
N ASP A 175 -30.28 -27.10 17.03
CA ASP A 175 -31.08 -27.89 16.10
C ASP A 175 -30.39 -28.08 14.74
N ALA A 176 -29.07 -28.15 14.73
CA ALA A 176 -28.34 -28.40 13.49
C ALA A 176 -27.18 -29.35 13.75
N ILE A 177 -26.80 -30.08 12.70
CA ILE A 177 -25.56 -30.85 12.72
C ILE A 177 -24.76 -30.50 11.49
N PHE A 178 -23.46 -30.82 11.54
CA PHE A 178 -22.53 -30.58 10.45
C PHE A 178 -21.87 -31.90 10.08
N ILE A 179 -21.97 -32.27 8.80
CA ILE A 179 -21.30 -33.43 8.23
C ILE A 179 -20.18 -32.92 7.32
N LYS A 180 -18.99 -33.48 7.46
CA LYS A 180 -17.86 -33.04 6.66
C LYS A 180 -17.32 -34.21 5.85
N ALA A 181 -17.07 -33.96 4.57
CA ALA A 181 -16.50 -34.96 3.69
C ALA A 181 -15.18 -34.43 3.17
N ILE A 182 -14.18 -35.31 3.13
CA ILE A 182 -12.85 -35.01 2.59
C ILE A 182 -12.52 -36.10 1.58
N VAL A 183 -12.42 -35.71 0.32
CA VAL A 183 -12.02 -36.64 -0.73
C VAL A 183 -10.54 -36.42 -0.98
N ASP A 184 -9.74 -37.43 -0.69
CA ASP A 184 -8.31 -37.31 -0.93
C ASP A 184 -8.07 -37.07 -2.42
N LEU A 185 -7.10 -36.19 -2.73
CA LEU A 185 -6.83 -35.84 -4.12
C LEU A 185 -5.52 -36.42 -4.63
N THR A 186 -4.98 -37.44 -3.97
CA THR A 186 -3.73 -38.03 -4.41
C THR A 186 -3.89 -38.62 -5.81
N GLY A 187 -2.93 -38.29 -6.68
CA GLY A 187 -2.93 -38.78 -8.04
C GLY A 187 -3.71 -37.95 -9.01
N LEU A 188 -4.44 -36.95 -8.55
CA LEU A 188 -5.27 -36.17 -9.46
C LEU A 188 -4.51 -34.93 -9.93
N ALA B 21 -40.47 -13.82 -5.88
CA ALA B 21 -39.38 -14.77 -5.71
C ALA B 21 -38.21 -14.39 -6.59
N MET B 22 -38.50 -13.80 -7.75
CA MET B 22 -37.42 -13.40 -8.64
C MET B 22 -36.56 -12.31 -8.01
N ALA B 23 -37.17 -11.41 -7.24
CA ALA B 23 -36.39 -10.41 -6.52
C ALA B 23 -35.42 -11.06 -5.53
N ASP B 24 -35.92 -12.04 -4.77
CA ASP B 24 -35.08 -12.76 -3.81
C ASP B 24 -33.96 -13.49 -4.53
N LEU B 25 -34.28 -14.16 -5.64
CA LEU B 25 -33.26 -14.86 -6.43
C LEU B 25 -32.22 -13.90 -6.98
N GLU B 26 -32.66 -12.73 -7.45
CA GLU B 26 -31.72 -11.74 -7.94
C GLU B 26 -30.76 -11.33 -6.84
N GLN B 27 -31.29 -11.13 -5.63
CA GLN B 27 -30.44 -10.77 -4.51
C GLN B 27 -29.41 -11.87 -4.22
N LYS B 28 -29.86 -13.11 -4.17
CA LYS B 28 -28.92 -14.19 -3.91
C LYS B 28 -27.83 -14.22 -4.97
N VAL B 29 -28.21 -14.06 -6.24
CA VAL B 29 -27.25 -14.12 -7.33
C VAL B 29 -26.23 -13.00 -7.20
N LEU B 30 -26.69 -11.80 -6.85
CA LEU B 30 -25.75 -10.68 -6.67
C LEU B 30 -24.78 -10.94 -5.52
N GLU B 31 -25.29 -11.49 -4.42
CA GLU B 31 -24.42 -11.83 -3.30
C GLU B 31 -23.35 -12.82 -3.74
N MET B 32 -23.75 -13.87 -4.43
CA MET B 32 -22.78 -14.88 -4.86
C MET B 32 -21.78 -14.29 -5.87
N GLU B 33 -22.25 -13.45 -6.80
CA GLU B 33 -21.34 -12.79 -7.72
C GLU B 33 -20.23 -12.06 -6.99
N ALA B 34 -20.57 -11.44 -5.86
CA ALA B 34 -19.56 -10.66 -5.18
C ALA B 34 -18.75 -11.42 -4.12
N SER B 35 -19.21 -12.59 -3.67
CA SER B 35 -18.53 -13.25 -2.54
C SER B 35 -17.11 -13.70 -2.89
N THR B 36 -16.19 -13.54 -1.93
CA THR B 36 -14.88 -14.17 -1.98
C THR B 36 -14.67 -15.02 -0.72
N TYR B 37 -13.74 -15.97 -0.82
CA TYR B 37 -13.55 -16.93 0.27
C TYR B 37 -12.10 -17.05 0.68
N ASP B 38 -11.32 -15.99 0.52
CA ASP B 38 -9.94 -16.04 0.97
C ASP B 38 -9.55 -14.83 1.79
N GLY B 39 -10.53 -14.10 2.34
CA GLY B 39 -10.24 -12.96 3.18
C GLY B 39 -9.84 -11.70 2.44
N VAL B 40 -9.82 -11.72 1.11
CA VAL B 40 -9.47 -10.56 0.28
C VAL B 40 -10.71 -10.12 -0.47
N PHE B 41 -11.02 -8.81 -0.38
CA PHE B 41 -12.22 -8.28 -1.01
C PHE B 41 -11.90 -6.94 -1.65
N ILE B 42 -12.38 -6.73 -2.87
CA ILE B 42 -12.32 -5.44 -3.54
C ILE B 42 -13.75 -4.99 -3.82
N TRP B 43 -14.07 -3.80 -3.35
CA TRP B 43 -15.41 -3.24 -3.43
C TRP B 43 -15.35 -2.07 -4.40
N LYS B 44 -15.98 -2.22 -5.55
CA LYS B 44 -16.06 -1.15 -6.55
C LYS B 44 -17.33 -0.35 -6.27
N ILE B 45 -17.17 0.92 -5.98
CA ILE B 45 -18.31 1.78 -5.71
C ILE B 45 -18.44 2.70 -6.91
N SER B 46 -19.42 2.41 -7.78
CA SER B 46 -19.73 3.17 -8.98
C SER B 46 -20.75 4.25 -8.64
N ASP B 47 -21.06 5.10 -9.63
CA ASP B 47 -22.00 6.21 -9.40
C ASP B 47 -21.54 7.03 -8.20
N PHE B 48 -20.22 7.27 -8.11
CA PHE B 48 -19.61 7.83 -6.91
C PHE B 48 -20.19 9.20 -6.56
N ALA B 49 -20.29 10.09 -7.54
CA ALA B 49 -20.72 11.46 -7.25
C ALA B 49 -22.14 11.50 -6.70
N ARG B 50 -23.04 10.69 -7.27
CA ARG B 50 -24.40 10.65 -6.76
C ARG B 50 -24.45 10.09 -5.33
N LYS B 51 -23.73 9.00 -5.07
CA LYS B 51 -23.76 8.42 -3.73
C LYS B 51 -23.11 9.36 -2.71
N ARG B 52 -22.05 10.06 -3.12
CA ARG B 52 -21.45 11.01 -2.19
C ARG B 52 -22.39 12.15 -1.88
N GLN B 53 -23.13 12.65 -2.90
CA GLN B 53 -24.10 13.72 -2.64
C GLN B 53 -25.24 13.24 -1.75
N GLU B 54 -25.65 11.99 -1.94
CA GLU B 54 -26.65 11.35 -1.10
C GLU B 54 -26.17 11.30 0.35
N ALA B 55 -24.88 11.05 0.56
CA ALA B 55 -24.31 11.04 1.90
C ALA B 55 -24.24 12.45 2.48
N VAL B 56 -23.75 13.40 1.67
CA VAL B 56 -23.66 14.80 2.09
C VAL B 56 -25.03 15.34 2.52
N ALA B 57 -26.07 14.95 1.79
CA ALA B 57 -27.43 15.44 2.06
C ALA B 57 -28.12 14.65 3.16
N GLY B 58 -27.49 13.61 3.67
CA GLY B 58 -28.05 12.83 4.75
C GLY B 58 -29.13 11.85 4.35
N ARG B 59 -29.41 11.71 3.05
CA ARG B 59 -30.45 10.78 2.63
C ARG B 59 -29.99 9.33 2.74
N ILE B 60 -28.73 9.07 2.38
CA ILE B 60 -28.09 7.76 2.59
C ILE B 60 -26.71 7.97 3.21
N PRO B 61 -26.64 8.08 4.53
CA PRO B 61 -25.32 8.33 5.16
C PRO B 61 -24.30 7.24 4.90
N ALA B 62 -24.74 5.99 4.83
CA ALA B 62 -23.82 4.87 4.84
C ALA B 62 -24.23 3.85 3.81
N ILE B 63 -23.24 3.08 3.32
CA ILE B 63 -23.45 1.98 2.37
C ILE B 63 -22.75 0.74 2.92
N PHE B 64 -23.42 -0.40 2.83
CA PHE B 64 -22.84 -1.71 3.16
C PHE B 64 -22.34 -2.38 1.89
N SER B 65 -21.17 -3.00 1.97
CA SER B 65 -20.64 -3.84 0.92
C SER B 65 -21.28 -5.23 0.90
N PRO B 66 -21.15 -5.96 -0.21
CA PRO B 66 -21.47 -7.39 -0.18
C PRO B 66 -20.64 -8.10 0.88
N ALA B 67 -21.09 -9.30 1.24
CA ALA B 67 -20.38 -10.09 2.24
C ALA B 67 -19.23 -10.87 1.61
N PHE B 68 -18.19 -11.12 2.40
CA PHE B 68 -17.09 -11.99 1.98
C PHE B 68 -16.65 -12.83 3.17
N TYR B 69 -15.77 -13.81 2.91
CA TYR B 69 -15.49 -14.84 3.90
C TYR B 69 -13.99 -15.06 4.06
N THR B 70 -13.57 -15.54 5.25
CA THR B 70 -12.15 -15.88 5.43
C THR B 70 -11.75 -17.20 4.77
N SER B 71 -12.69 -18.11 4.58
CA SER B 71 -12.44 -19.40 3.96
C SER B 71 -13.80 -19.87 3.48
N ARG B 72 -13.82 -21.00 2.79
CA ARG B 72 -15.09 -21.48 2.22
C ARG B 72 -16.16 -21.58 3.27
N TYR B 73 -15.79 -21.98 4.49
CA TYR B 73 -16.72 -22.14 5.59
C TYR B 73 -16.31 -21.28 6.77
N GLY B 74 -15.82 -20.07 6.51
CA GLY B 74 -15.23 -19.24 7.53
C GLY B 74 -16.13 -18.12 8.01
N TYR B 75 -15.51 -17.10 8.59
CA TYR B 75 -16.27 -15.95 9.08
C TYR B 75 -16.95 -15.24 7.92
N LYS B 76 -18.14 -14.72 8.20
CA LYS B 76 -18.85 -13.89 7.24
C LYS B 76 -18.68 -12.42 7.66
N MET B 77 -18.31 -11.57 6.70
CA MET B 77 -17.91 -10.20 6.99
C MET B 77 -18.44 -9.27 5.90
N CYS B 78 -18.59 -7.99 6.24
CA CYS B 78 -18.80 -7.00 5.20
C CYS B 78 -18.20 -5.67 5.66
N LEU B 79 -18.28 -4.67 4.79
CA LEU B 79 -17.74 -3.35 5.06
C LEU B 79 -18.88 -2.35 5.09
N ARG B 80 -18.66 -1.23 5.79
CA ARG B 80 -19.65 -0.17 5.83
C ARG B 80 -18.93 1.16 5.70
N ILE B 81 -19.35 1.97 4.74
CA ILE B 81 -18.65 3.21 4.40
C ILE B 81 -19.61 4.37 4.59
N TYR B 82 -19.08 5.48 5.10
CA TYR B 82 -19.76 6.77 5.14
C TYR B 82 -19.00 7.69 4.19
N LEU B 83 -19.58 7.97 3.03
CA LEU B 83 -18.90 8.81 2.05
C LEU B 83 -18.78 10.27 2.49
N ASN B 84 -19.51 10.69 3.53
CA ASN B 84 -19.33 12.01 4.13
C ASN B 84 -19.08 11.92 5.63
N GLY B 85 -18.71 10.74 6.11
CA GLY B 85 -18.11 10.56 7.40
C GLY B 85 -19.11 10.23 8.49
N ASP B 86 -18.57 9.71 9.59
CA ASP B 86 -19.33 9.34 10.77
C ASP B 86 -18.52 9.74 12.00
N GLY B 87 -19.23 10.11 13.07
CA GLY B 87 -18.53 10.42 14.31
C GLY B 87 -17.51 11.53 14.13
N THR B 88 -16.29 11.29 14.62
CA THR B 88 -15.23 12.28 14.51
C THR B 88 -14.91 12.65 13.06
N GLY B 89 -15.20 11.76 12.12
CA GLY B 89 -14.97 12.09 10.73
C GLY B 89 -16.10 12.79 10.02
N ARG B 90 -17.20 13.09 10.71
CA ARG B 90 -18.42 13.49 10.00
C ARG B 90 -18.22 14.82 9.30
N GLY B 91 -18.44 14.83 7.99
CA GLY B 91 -18.37 16.03 7.19
C GLY B 91 -16.99 16.38 6.70
N THR B 92 -15.96 15.68 7.17
CA THR B 92 -14.58 15.94 6.75
C THR B 92 -13.85 14.72 6.24
N HIS B 93 -14.33 13.51 6.50
CA HIS B 93 -13.58 12.32 6.14
C HIS B 93 -14.51 11.31 5.53
N LEU B 94 -13.95 10.44 4.69
CA LEU B 94 -14.51 9.12 4.47
C LEU B 94 -14.32 8.30 5.73
N SER B 95 -15.39 7.66 6.20
CA SER B 95 -15.27 6.76 7.34
C SER B 95 -15.53 5.36 6.84
N LEU B 96 -14.69 4.41 7.27
CA LEU B 96 -14.75 3.06 6.73
C LEU B 96 -14.68 2.08 7.90
N PHE B 97 -15.63 1.16 7.95
CA PHE B 97 -15.77 0.24 9.08
C PHE B 97 -15.87 -1.19 8.57
N PHE B 98 -15.51 -2.10 9.47
CA PHE B 98 -15.52 -3.54 9.28
C PHE B 98 -16.65 -4.11 10.12
N VAL B 99 -17.37 -5.10 9.57
CA VAL B 99 -18.54 -5.68 10.20
C VAL B 99 -18.37 -7.19 10.22
N VAL B 100 -18.47 -7.80 11.41
CA VAL B 100 -18.62 -9.25 11.54
C VAL B 100 -20.11 -9.54 11.44
N MET B 101 -20.51 -10.41 10.51
CA MET B 101 -21.90 -10.79 10.43
C MET B 101 -22.14 -12.22 10.88
N LYS B 102 -23.40 -12.51 11.15
CA LYS B 102 -23.80 -13.86 11.48
C LYS B 102 -23.63 -14.72 10.24
N GLY B 103 -22.68 -15.66 10.30
CA GLY B 103 -22.43 -16.56 9.20
C GLY B 103 -23.01 -17.94 9.43
N PRO B 104 -23.14 -18.72 8.35
CA PRO B 104 -23.79 -20.05 8.45
C PRO B 104 -23.02 -21.05 9.27
N ASN B 105 -21.72 -20.86 9.47
CA ASN B 105 -20.86 -21.83 10.13
C ASN B 105 -20.27 -21.31 11.43
N ASP B 106 -20.86 -20.23 11.99
CA ASP B 106 -20.31 -19.64 13.21
C ASP B 106 -20.13 -20.66 14.34
N ALA B 107 -20.98 -21.67 14.43
CA ALA B 107 -20.83 -22.68 15.47
C ALA B 107 -19.51 -23.42 15.37
N LEU B 108 -18.89 -23.43 14.18
CA LEU B 108 -17.62 -24.10 13.97
C LEU B 108 -16.41 -23.21 14.19
N LEU B 109 -16.60 -21.90 14.39
CA LEU B 109 -15.45 -21.00 14.40
C LEU B 109 -15.10 -20.58 15.83
N ARG B 110 -13.89 -20.05 15.98
CA ARG B 110 -13.44 -19.56 17.27
C ARG B 110 -13.94 -18.14 17.50
N TRP B 111 -14.39 -17.88 18.72
CA TRP B 111 -14.87 -16.56 19.11
C TRP B 111 -14.21 -16.14 20.41
N PRO B 112 -13.88 -14.84 20.57
CA PRO B 112 -14.12 -13.77 19.61
C PRO B 112 -13.23 -13.78 18.36
N PHE B 113 -13.74 -13.13 17.30
CA PHE B 113 -12.97 -12.90 16.09
C PHE B 113 -11.70 -12.13 16.43
N ASN B 114 -10.56 -12.63 15.97
CA ASN B 114 -9.27 -12.12 16.43
C ASN B 114 -8.28 -11.92 15.28
N GLN B 115 -8.75 -11.65 14.07
CA GLN B 115 -7.88 -11.52 12.90
C GLN B 115 -7.58 -10.06 12.62
N LYS B 116 -6.33 -9.76 12.30
CA LYS B 116 -5.96 -8.43 11.84
C LYS B 116 -6.75 -8.09 10.56
N VAL B 117 -7.20 -6.83 10.46
CA VAL B 117 -7.93 -6.35 9.30
C VAL B 117 -7.18 -5.15 8.71
N THR B 118 -6.90 -5.21 7.40
CA THR B 118 -6.31 -4.11 6.66
C THR B 118 -7.35 -3.55 5.71
N LEU B 119 -7.48 -2.21 5.67
CA LEU B 119 -8.46 -1.55 4.82
C LEU B 119 -7.75 -0.50 3.98
N MET B 120 -8.16 -0.36 2.72
CA MET B 120 -7.43 0.48 1.77
C MET B 120 -8.41 1.18 0.84
N LEU B 121 -8.07 2.42 0.49
CA LEU B 121 -8.69 3.09 -0.65
C LEU B 121 -7.64 3.11 -1.76
N LEU B 122 -7.93 2.45 -2.89
CA LEU B 122 -6.93 2.24 -3.92
C LEU B 122 -6.72 3.50 -4.78
N ASP B 123 -5.46 3.92 -4.88
CA ASP B 123 -5.05 4.89 -5.89
C ASP B 123 -5.12 4.24 -7.27
N GLN B 124 -5.90 4.81 -8.18
CA GLN B 124 -6.03 4.20 -9.48
C GLN B 124 -4.90 4.61 -10.42
N ASN B 125 -3.92 5.38 -9.94
CA ASN B 125 -2.58 5.45 -10.50
C ASN B 125 -1.60 4.56 -9.76
N ASN B 126 -2.06 3.84 -8.73
CA ASN B 126 -1.26 2.87 -7.99
C ASN B 126 0.04 3.47 -7.47
N ARG B 127 0.00 4.71 -7.02
CA ARG B 127 1.16 5.35 -6.44
C ARG B 127 1.06 5.49 -4.94
N GLU B 128 -0.07 5.97 -4.42
CA GLU B 128 -0.20 6.21 -2.99
C GLU B 128 -1.60 5.76 -2.56
N HIS B 129 -1.70 4.51 -2.09
CA HIS B 129 -2.96 4.03 -1.56
C HIS B 129 -3.18 4.61 -0.18
N VAL B 130 -4.44 4.75 0.21
CA VAL B 130 -4.74 5.00 1.63
C VAL B 130 -4.86 3.65 2.30
N ILE B 131 -4.18 3.47 3.43
CA ILE B 131 -4.26 2.19 4.11
C ILE B 131 -4.29 2.42 5.62
N ASP B 132 -5.12 1.62 6.29
CA ASP B 132 -5.19 1.59 7.74
C ASP B 132 -5.35 0.13 8.12
N ALA B 133 -5.10 -0.18 9.38
CA ALA B 133 -5.24 -1.56 9.81
C ALA B 133 -5.47 -1.56 11.31
N PHE B 134 -6.03 -2.66 11.80
CA PHE B 134 -6.25 -2.81 13.23
C PHE B 134 -6.29 -4.28 13.62
N ARG B 135 -5.95 -4.53 14.89
CA ARG B 135 -6.22 -5.79 15.57
C ARG B 135 -7.52 -5.66 16.35
N PRO B 136 -8.42 -6.63 16.26
CA PRO B 136 -9.68 -6.53 17.00
C PRO B 136 -9.43 -6.43 18.50
N ASP B 137 -10.17 -5.52 19.15
CA ASP B 137 -10.30 -5.52 20.60
C ASP B 137 -11.23 -6.67 20.98
N VAL B 138 -10.66 -7.73 21.57
CA VAL B 138 -11.42 -8.96 21.77
C VAL B 138 -12.41 -8.82 22.93
N THR B 139 -12.38 -7.68 23.62
CA THR B 139 -13.37 -7.38 24.65
C THR B 139 -14.57 -6.61 24.13
N SER B 140 -14.58 -6.25 22.84
CA SER B 140 -15.65 -5.46 22.23
C SER B 140 -16.76 -6.36 21.70
N SER B 141 -18.00 -5.87 21.80
CA SER B 141 -19.13 -6.62 21.25
C SER B 141 -19.05 -6.73 19.73
N SER B 142 -18.26 -5.88 19.08
CA SER B 142 -18.07 -5.97 17.63
C SER B 142 -17.47 -7.30 17.22
N PHE B 143 -16.76 -7.98 18.11
CA PHE B 143 -16.06 -9.20 17.70
C PHE B 143 -16.56 -10.46 18.41
N GLN B 144 -17.65 -10.40 19.18
CA GLN B 144 -18.19 -11.61 19.79
C GLN B 144 -19.03 -12.38 18.76
N ARG B 145 -19.44 -13.60 19.13
CA ARG B 145 -20.22 -14.38 18.17
C ARG B 145 -21.54 -13.67 17.91
N PRO B 146 -21.92 -13.44 16.65
CA PRO B 146 -23.09 -12.60 16.36
C PRO B 146 -24.38 -13.28 16.80
N VAL B 147 -25.25 -12.51 17.46
CA VAL B 147 -26.61 -12.97 17.77
C VAL B 147 -27.60 -12.32 16.81
N ASN B 148 -27.30 -11.11 16.32
CA ASN B 148 -28.07 -10.46 15.28
C ASN B 148 -27.45 -10.72 13.92
N ASP B 149 -28.07 -10.15 12.88
CA ASP B 149 -27.55 -10.32 11.53
C ASP B 149 -26.13 -9.78 11.42
N MET B 150 -25.86 -8.61 12.01
CA MET B 150 -24.49 -8.13 12.10
C MET B 150 -24.19 -7.63 13.50
N ASN B 151 -22.91 -7.68 13.85
CA ASN B 151 -22.39 -7.03 15.04
C ASN B 151 -22.28 -5.53 14.77
N ILE B 152 -22.10 -4.75 15.84
CA ILE B 152 -21.84 -3.33 15.65
C ILE B 152 -20.54 -3.17 14.87
N ALA B 153 -20.55 -2.31 13.85
CA ALA B 153 -19.37 -2.08 13.03
C ALA B 153 -18.26 -1.41 13.84
N SER B 154 -17.02 -1.62 13.43
CA SER B 154 -15.93 -0.83 14.01
C SER B 154 -14.81 -0.69 13.01
N GLY B 155 -14.01 0.35 13.18
CA GLY B 155 -13.01 0.66 12.16
C GLY B 155 -12.44 2.06 12.29
N CYS B 156 -12.46 2.82 11.19
CA CYS B 156 -11.74 4.08 11.10
C CYS B 156 -12.69 5.20 10.68
N PRO B 157 -13.19 5.98 11.64
CA PRO B 157 -13.97 7.17 11.29
C PRO B 157 -13.18 8.22 10.54
N LEU B 158 -11.86 8.24 10.67
CA LEU B 158 -10.98 9.20 10.02
C LEU B 158 -10.16 8.54 8.92
N PHE B 159 -10.80 7.64 8.17
CA PHE B 159 -10.08 6.81 7.22
C PHE B 159 -9.38 7.65 6.16
N CYS B 160 -10.10 8.58 5.54
CA CYS B 160 -9.55 9.34 4.42
C CYS B 160 -10.16 10.74 4.38
N PRO B 161 -9.35 11.80 4.42
CA PRO B 161 -9.93 13.15 4.29
C PRO B 161 -10.69 13.28 2.97
N VAL B 162 -11.86 13.94 3.04
CA VAL B 162 -12.70 14.03 1.85
C VAL B 162 -11.98 14.76 0.72
N SER B 163 -11.01 15.62 1.07
CA SER B 163 -10.28 16.35 0.03
C SER B 163 -9.56 15.41 -0.91
N LYS B 164 -9.21 14.20 -0.46
CA LYS B 164 -8.56 13.24 -1.34
C LYS B 164 -9.48 12.76 -2.45
N MET B 165 -10.78 13.07 -2.39
CA MET B 165 -11.79 12.69 -3.36
C MET B 165 -11.91 13.67 -4.52
N GLU B 166 -11.04 14.67 -4.57
CA GLU B 166 -11.16 15.70 -5.59
C GLU B 166 -10.77 15.15 -6.96
N ALA B 167 -11.18 15.88 -8.01
CA ALA B 167 -11.01 15.42 -9.38
C ALA B 167 -9.53 15.35 -9.77
N LYS B 168 -8.72 16.31 -9.32
CA LYS B 168 -7.28 16.25 -9.61
C LYS B 168 -6.63 15.02 -9.01
N ASN B 169 -7.23 14.44 -7.98
CA ASN B 169 -6.70 13.25 -7.34
C ASN B 169 -7.05 12.00 -8.16
N SER B 170 -6.35 10.90 -7.87
CA SER B 170 -6.51 9.68 -8.64
C SER B 170 -7.21 8.56 -7.86
N TYR B 171 -7.94 8.88 -6.79
CA TYR B 171 -8.73 7.85 -6.13
C TYR B 171 -10.09 7.67 -6.80
N VAL B 172 -10.70 8.76 -7.25
CA VAL B 172 -11.93 8.70 -8.03
C VAL B 172 -11.57 8.80 -9.49
N ARG B 173 -12.00 7.82 -10.28
CA ARG B 173 -11.77 7.83 -11.72
C ARG B 173 -12.98 7.21 -12.41
N ASP B 174 -13.46 7.90 -13.45
CA ASP B 174 -14.64 7.47 -14.19
C ASP B 174 -15.79 7.18 -13.22
N ASP B 175 -15.94 8.07 -12.24
CA ASP B 175 -17.06 8.05 -11.29
C ASP B 175 -17.11 6.76 -10.47
N ALA B 176 -15.95 6.22 -10.10
CA ALA B 176 -15.91 5.03 -9.27
C ALA B 176 -14.69 5.11 -8.36
N ILE B 177 -14.78 4.44 -7.21
CA ILE B 177 -13.63 4.22 -6.35
C ILE B 177 -13.55 2.73 -6.06
N PHE B 178 -12.40 2.33 -5.51
CA PHE B 178 -12.17 0.93 -5.16
C PHE B 178 -11.69 0.88 -3.73
N ILE B 179 -12.38 0.11 -2.89
CA ILE B 179 -12.00 -0.17 -1.51
C ILE B 179 -11.48 -1.61 -1.45
N LYS B 180 -10.40 -1.85 -0.74
CA LYS B 180 -9.86 -3.19 -0.60
C LYS B 180 -9.74 -3.56 0.88
N ALA B 181 -10.16 -4.77 1.25
CA ALA B 181 -10.00 -5.29 2.60
C ALA B 181 -9.17 -6.57 2.53
N ILE B 182 -8.24 -6.72 3.47
CA ILE B 182 -7.42 -7.91 3.62
C ILE B 182 -7.55 -8.38 5.07
N VAL B 183 -8.20 -9.49 5.27
CA VAL B 183 -8.33 -10.09 6.58
C VAL B 183 -7.22 -11.10 6.73
N ASP B 184 -6.32 -10.85 7.68
CA ASP B 184 -5.21 -11.74 7.93
C ASP B 184 -5.72 -13.10 8.37
N LEU B 185 -5.09 -14.17 7.87
CA LEU B 185 -5.61 -15.51 8.08
C LEU B 185 -4.76 -16.34 9.05
N THR B 186 -3.88 -15.70 9.80
CA THR B 186 -3.01 -16.39 10.73
C THR B 186 -3.82 -17.19 11.73
N GLY B 187 -3.42 -18.45 11.95
CA GLY B 187 -4.11 -19.28 12.90
C GLY B 187 -5.42 -19.86 12.43
N LEU B 188 -5.84 -19.56 11.21
CA LEU B 188 -7.02 -20.17 10.66
C LEU B 188 -6.60 -21.28 9.69
N ALA C 21 -35.44 -9.50 -17.69
CA ALA C 21 -36.49 -10.43 -17.29
C ALA C 21 -35.90 -11.72 -16.75
N MET C 22 -36.68 -12.80 -16.84
CA MET C 22 -36.20 -14.10 -16.41
C MET C 22 -34.98 -14.54 -17.21
N ALA C 23 -35.00 -14.34 -18.52
CA ALA C 23 -33.90 -14.79 -19.36
C ALA C 23 -32.59 -14.11 -18.95
N ASP C 24 -32.68 -12.86 -18.49
CA ASP C 24 -31.49 -12.15 -18.01
C ASP C 24 -30.85 -12.91 -16.85
N LEU C 25 -31.65 -13.30 -15.88
CA LEU C 25 -31.07 -13.97 -14.72
C LEU C 25 -30.67 -15.40 -15.04
N GLU C 26 -31.35 -16.05 -15.99
CA GLU C 26 -30.89 -17.34 -16.46
C GLU C 26 -29.50 -17.23 -17.08
N GLN C 27 -29.28 -16.20 -17.89
CA GLN C 27 -27.95 -15.97 -18.46
C GLN C 27 -26.92 -15.70 -17.37
N LYS C 28 -27.29 -14.87 -16.39
CA LYS C 28 -26.38 -14.57 -15.29
C LYS C 28 -25.98 -15.84 -14.54
N VAL C 29 -26.95 -16.70 -14.26
CA VAL C 29 -26.64 -17.94 -13.54
C VAL C 29 -25.74 -18.83 -14.38
N LEU C 30 -26.00 -18.92 -15.69
CA LEU C 30 -25.14 -19.75 -16.54
C LEU C 30 -23.70 -19.24 -16.55
N GLU C 31 -23.53 -17.92 -16.69
CA GLU C 31 -22.19 -17.33 -16.65
C GLU C 31 -21.50 -17.60 -15.32
N MET C 32 -22.23 -17.46 -14.20
CA MET C 32 -21.61 -17.76 -12.91
C MET C 32 -21.23 -19.23 -12.81
N GLU C 33 -22.08 -20.12 -13.33
CA GLU C 33 -21.78 -21.55 -13.29
C GLU C 33 -20.49 -21.87 -14.02
N ALA C 34 -20.23 -21.20 -15.14
CA ALA C 34 -19.04 -21.51 -15.93
C ALA C 34 -17.80 -20.69 -15.56
N SER C 35 -17.95 -19.60 -14.79
CA SER C 35 -16.83 -18.72 -14.52
C SER C 35 -15.72 -19.43 -13.76
N THR C 36 -14.47 -19.18 -14.17
CA THR C 36 -13.29 -19.52 -13.39
C THR C 36 -12.42 -18.28 -13.17
N TYR C 37 -11.56 -18.35 -12.16
CA TYR C 37 -10.80 -17.19 -11.69
C TYR C 37 -9.33 -17.52 -11.53
N ASP C 38 -8.81 -18.47 -12.31
CA ASP C 38 -7.39 -18.78 -12.26
C ASP C 38 -6.78 -18.89 -13.65
N GLY C 39 -7.41 -18.32 -14.67
CA GLY C 39 -6.88 -18.34 -16.03
C GLY C 39 -6.96 -19.67 -16.75
N VAL C 40 -7.63 -20.66 -16.18
CA VAL C 40 -7.79 -21.97 -16.80
C VAL C 40 -9.27 -22.16 -17.05
N PHE C 41 -9.62 -22.47 -18.29
CA PHE C 41 -11.01 -22.63 -18.69
C PHE C 41 -11.16 -23.88 -19.55
N ILE C 42 -12.13 -24.72 -19.22
CA ILE C 42 -12.51 -25.85 -20.06
C ILE C 42 -13.93 -25.61 -20.56
N TRP C 43 -14.08 -25.59 -21.88
CA TRP C 43 -15.32 -25.29 -22.58
C TRP C 43 -15.83 -26.58 -23.21
N LYS C 44 -16.90 -27.14 -22.66
CA LYS C 44 -17.54 -28.32 -23.25
C LYS C 44 -18.62 -27.87 -24.22
N ILE C 45 -18.47 -28.24 -25.49
CA ILE C 45 -19.46 -27.93 -26.51
C ILE C 45 -20.20 -29.23 -26.81
N SER C 46 -21.41 -29.37 -26.28
CA SER C 46 -22.27 -30.51 -26.54
C SER C 46 -23.17 -30.22 -27.73
N ASP C 47 -23.95 -31.23 -28.13
CA ASP C 47 -24.73 -31.19 -29.36
C ASP C 47 -23.84 -30.78 -30.53
N PHE C 48 -22.67 -31.41 -30.58
CA PHE C 48 -21.65 -31.01 -31.56
C PHE C 48 -22.17 -31.11 -32.99
N ALA C 49 -22.81 -32.23 -33.34
CA ALA C 49 -23.25 -32.42 -34.72
C ALA C 49 -24.28 -31.36 -35.11
N ARG C 50 -25.23 -31.06 -34.22
CA ARG C 50 -26.22 -30.05 -34.54
C ARG C 50 -25.57 -28.69 -34.71
N LYS C 51 -24.65 -28.31 -33.82
CA LYS C 51 -24.05 -26.98 -33.92
C LYS C 51 -23.13 -26.87 -35.13
N ARG C 52 -22.46 -27.96 -35.47
CA ARG C 52 -21.72 -28.02 -36.73
C ARG C 52 -22.64 -27.79 -37.90
N GLN C 53 -23.82 -28.41 -37.90
CA GLN C 53 -24.76 -28.20 -39.00
C GLN C 53 -25.23 -26.76 -39.05
N GLU C 54 -25.48 -26.17 -37.89
CA GLU C 54 -25.89 -24.77 -37.84
C GLU C 54 -24.80 -23.86 -38.41
N ALA C 55 -23.53 -24.20 -38.16
CA ALA C 55 -22.42 -23.42 -38.70
C ALA C 55 -22.24 -23.65 -40.20
N VAL C 56 -22.26 -24.91 -40.64
CA VAL C 56 -22.13 -25.21 -42.07
C VAL C 56 -23.24 -24.52 -42.86
N ALA C 57 -24.47 -24.59 -42.36
CA ALA C 57 -25.61 -24.00 -43.03
C ALA C 57 -25.68 -22.49 -42.88
N GLY C 58 -24.73 -21.89 -42.18
CA GLY C 58 -24.67 -20.44 -42.07
C GLY C 58 -25.62 -19.80 -41.09
N ARG C 59 -26.35 -20.58 -40.28
CA ARG C 59 -27.28 -19.96 -39.35
C ARG C 59 -26.57 -19.40 -38.13
N ILE C 60 -25.61 -20.15 -37.60
CA ILE C 60 -24.82 -19.76 -36.43
C ILE C 60 -23.36 -19.99 -36.76
N PRO C 61 -22.71 -19.10 -37.51
CA PRO C 61 -21.28 -19.32 -37.84
C PRO C 61 -20.37 -19.39 -36.63
N ALA C 62 -20.70 -18.67 -35.55
CA ALA C 62 -19.78 -18.55 -34.43
C ALA C 62 -20.53 -18.69 -33.12
N ILE C 63 -19.80 -19.11 -32.09
CA ILE C 63 -20.33 -19.25 -30.73
C ILE C 63 -19.33 -18.63 -29.77
N PHE C 64 -19.83 -17.86 -28.81
CA PHE C 64 -18.96 -17.34 -27.76
C PHE C 64 -19.00 -18.29 -26.57
N SER C 65 -17.87 -18.47 -25.93
CA SER C 65 -17.84 -19.18 -24.66
C SER C 65 -18.34 -18.28 -23.53
N PRO C 66 -18.66 -18.84 -22.36
CA PRO C 66 -18.81 -18.02 -21.17
C PRO C 66 -17.48 -17.37 -20.80
N ALA C 67 -17.56 -16.34 -19.95
CA ALA C 67 -16.38 -15.60 -19.54
C ALA C 67 -15.61 -16.30 -18.42
N PHE C 68 -14.30 -16.06 -18.39
CA PHE C 68 -13.44 -16.49 -17.29
C PHE C 68 -12.41 -15.40 -17.03
N TYR C 69 -11.67 -15.55 -15.94
CA TYR C 69 -10.83 -14.45 -15.45
C TYR C 69 -9.45 -14.96 -15.07
N THR C 70 -8.45 -14.06 -15.10
CA THR C 70 -7.11 -14.43 -14.64
C THR C 70 -7.00 -14.54 -13.13
N SER C 71 -7.84 -13.83 -12.40
CA SER C 71 -7.84 -13.81 -10.94
C SER C 71 -9.21 -13.30 -10.51
N ARG C 72 -9.44 -13.33 -9.20
CA ARG C 72 -10.75 -12.93 -8.69
C ARG C 72 -11.16 -11.54 -9.20
N TYR C 73 -10.20 -10.62 -9.29
CA TYR C 73 -10.44 -9.27 -9.80
C TYR C 73 -9.55 -8.97 -11.01
N GLY C 74 -9.35 -9.96 -11.87
CA GLY C 74 -8.44 -9.84 -12.99
C GLY C 74 -9.11 -9.55 -14.32
N TYR C 75 -8.41 -9.89 -15.40
CA TYR C 75 -8.94 -9.66 -16.74
C TYR C 75 -10.13 -10.56 -16.99
N LYS C 76 -11.12 -10.03 -17.71
CA LYS C 76 -12.27 -10.79 -18.17
C LYS C 76 -12.07 -11.19 -19.63
N MET C 77 -12.34 -12.45 -19.95
CA MET C 77 -11.96 -13.06 -21.22
C MET C 77 -13.05 -14.04 -21.65
N CYS C 78 -13.14 -14.29 -22.96
CA CYS C 78 -13.92 -15.43 -23.45
C CYS C 78 -13.28 -15.97 -24.72
N LEU C 79 -13.85 -17.06 -25.23
CA LEU C 79 -13.40 -17.66 -26.47
C LEU C 79 -14.51 -17.54 -27.51
N ARG C 80 -14.11 -17.58 -28.77
CA ARG C 80 -15.06 -17.59 -29.88
C ARG C 80 -14.63 -18.68 -30.84
N ILE C 81 -15.56 -19.57 -31.19
CA ILE C 81 -15.26 -20.68 -32.08
C ILE C 81 -16.13 -20.59 -33.32
N TYR C 82 -15.54 -20.92 -34.48
CA TYR C 82 -16.27 -21.15 -35.71
C TYR C 82 -16.11 -22.64 -36.03
N LEU C 83 -17.21 -23.41 -35.86
CA LEU C 83 -17.16 -24.85 -36.07
C LEU C 83 -17.00 -25.23 -37.54
N ASN C 84 -17.30 -24.31 -38.45
CA ASN C 84 -17.00 -24.49 -39.88
C ASN C 84 -16.02 -23.44 -40.40
N GLY C 85 -15.29 -22.79 -39.52
CA GLY C 85 -14.15 -21.99 -39.93
C GLY C 85 -14.50 -20.53 -40.20
N ASP C 86 -13.50 -19.69 -40.01
CA ASP C 86 -13.57 -18.28 -40.34
C ASP C 86 -12.33 -17.90 -41.13
N GLY C 87 -12.49 -16.92 -42.03
CA GLY C 87 -11.34 -16.38 -42.74
C GLY C 87 -10.65 -17.43 -43.59
N THR C 88 -9.31 -17.49 -43.45
CA THR C 88 -8.54 -18.49 -44.18
C THR C 88 -9.00 -19.92 -43.89
N GLY C 89 -9.55 -20.17 -42.71
CA GLY C 89 -10.03 -21.50 -42.39
C GLY C 89 -11.46 -21.78 -42.77
N ARG C 90 -12.13 -20.85 -43.41
CA ARG C 90 -13.56 -20.96 -43.65
C ARG C 90 -13.86 -22.20 -44.48
N GLY C 91 -14.70 -23.07 -43.93
CA GLY C 91 -15.11 -24.27 -44.63
C GLY C 91 -14.15 -25.43 -44.55
N THR C 92 -12.90 -25.22 -44.11
CA THR C 92 -11.93 -26.30 -44.02
C THR C 92 -11.43 -26.57 -42.61
N HIS C 93 -11.54 -25.60 -41.68
CA HIS C 93 -10.95 -25.72 -40.36
C HIS C 93 -11.94 -25.29 -39.29
N LEU C 94 -11.79 -25.90 -38.12
CA LEU C 94 -12.20 -25.24 -36.89
C LEU C 94 -11.35 -24.01 -36.66
N SER C 95 -12.00 -22.88 -36.39
CA SER C 95 -11.27 -21.64 -36.11
C SER C 95 -11.56 -21.25 -34.67
N LEU C 96 -10.51 -20.91 -33.92
CA LEU C 96 -10.65 -20.66 -32.50
C LEU C 96 -9.95 -19.37 -32.12
N PHE C 97 -10.65 -18.51 -31.37
CA PHE C 97 -10.20 -17.17 -31.06
C PHE C 97 -10.35 -16.85 -29.59
N PHE C 98 -9.49 -15.95 -29.12
CA PHE C 98 -9.44 -15.45 -27.76
C PHE C 98 -9.91 -14.01 -27.80
N VAL C 99 -10.68 -13.61 -26.78
CA VAL C 99 -11.35 -12.31 -26.72
C VAL C 99 -11.10 -11.70 -25.35
N VAL C 100 -10.48 -10.52 -25.34
CA VAL C 100 -10.41 -9.70 -24.15
C VAL C 100 -11.71 -8.91 -24.03
N MET C 101 -12.34 -8.98 -22.86
CA MET C 101 -13.66 -8.40 -22.65
C MET C 101 -13.51 -7.19 -21.75
N LYS C 102 -14.51 -6.31 -21.74
CA LYS C 102 -14.52 -5.24 -20.74
C LYS C 102 -14.82 -5.86 -19.38
N GLY C 103 -13.88 -5.76 -18.45
CA GLY C 103 -14.07 -6.32 -17.13
C GLY C 103 -14.39 -5.27 -16.09
N PRO C 104 -15.02 -5.68 -14.98
CA PRO C 104 -15.39 -4.71 -13.93
C PRO C 104 -14.21 -4.04 -13.28
N ASN C 105 -13.03 -4.64 -13.31
CA ASN C 105 -11.88 -4.10 -12.61
C ASN C 105 -10.77 -3.64 -13.54
N ASP C 106 -11.11 -3.32 -14.81
CA ASP C 106 -10.07 -2.95 -15.77
C ASP C 106 -9.24 -1.74 -15.29
N ALA C 107 -9.85 -0.82 -14.53
CA ALA C 107 -9.09 0.35 -14.13
C ALA C 107 -7.91 -0.01 -13.25
N LEU C 108 -7.94 -1.17 -12.61
CA LEU C 108 -6.86 -1.63 -11.72
C LEU C 108 -5.80 -2.45 -12.44
N LEU C 109 -5.95 -2.72 -13.73
CA LEU C 109 -5.10 -3.66 -14.43
C LEU C 109 -4.14 -2.95 -15.36
N ARG C 110 -3.08 -3.67 -15.75
CA ARG C 110 -2.12 -3.14 -16.72
C ARG C 110 -2.63 -3.33 -18.13
N TRP C 111 -2.49 -2.29 -18.95
CA TRP C 111 -2.83 -2.39 -20.36
C TRP C 111 -1.67 -1.87 -21.19
N PRO C 112 -1.39 -2.50 -22.35
CA PRO C 112 -2.16 -3.59 -22.96
C PRO C 112 -2.07 -4.94 -22.26
N PHE C 113 -3.10 -5.76 -22.48
CA PHE C 113 -3.07 -7.15 -22.05
C PHE C 113 -1.85 -7.83 -22.65
N ASN C 114 -1.07 -8.53 -21.82
CA ASN C 114 0.22 -9.00 -22.28
C ASN C 114 0.57 -10.41 -21.80
N GLN C 115 -0.42 -11.25 -21.52
CA GLN C 115 -0.19 -12.59 -20.99
C GLN C 115 -0.19 -13.61 -22.13
N LYS C 116 0.69 -14.61 -22.00
CA LYS C 116 0.68 -15.74 -22.92
C LYS C 116 -0.65 -16.48 -22.84
N VAL C 117 -1.14 -16.93 -24.01
CA VAL C 117 -2.41 -17.68 -24.08
C VAL C 117 -2.16 -19.02 -24.79
N THR C 118 -2.66 -20.11 -24.20
CA THR C 118 -2.53 -21.45 -24.80
C THR C 118 -3.93 -21.97 -25.03
N LEU C 119 -4.21 -22.44 -26.24
CA LEU C 119 -5.51 -22.97 -26.60
C LEU C 119 -5.36 -24.40 -27.07
N MET C 120 -6.29 -25.24 -26.65
CA MET C 120 -6.23 -26.65 -26.99
C MET C 120 -7.60 -27.22 -27.33
N LEU C 121 -7.57 -28.20 -28.22
CA LEU C 121 -8.66 -29.12 -28.46
C LEU C 121 -8.26 -30.46 -27.85
N LEU C 122 -9.05 -30.95 -26.91
CA LEU C 122 -8.67 -32.11 -26.12
C LEU C 122 -9.04 -33.38 -26.87
N ASP C 123 -8.05 -34.24 -27.09
CA ASP C 123 -8.32 -35.61 -27.50
C ASP C 123 -8.91 -36.36 -26.32
N GLN C 124 -10.04 -37.00 -26.54
CA GLN C 124 -10.74 -37.71 -25.47
C GLN C 124 -10.29 -39.15 -25.35
N ASN C 125 -9.28 -39.55 -26.10
CA ASN C 125 -8.52 -40.78 -25.85
C ASN C 125 -7.18 -40.48 -25.21
N ASN C 126 -6.97 -39.24 -24.76
CA ASN C 126 -5.74 -38.75 -24.13
C ASN C 126 -4.56 -38.77 -25.09
N ARG C 127 -4.83 -38.88 -26.39
CA ARG C 127 -3.83 -38.84 -27.46
C ARG C 127 -3.45 -37.41 -27.74
N GLU C 128 -2.91 -37.14 -28.93
CA GLU C 128 -2.39 -35.83 -29.28
C GLU C 128 -3.48 -34.75 -29.18
N HIS C 129 -3.36 -33.89 -28.18
CA HIS C 129 -4.20 -32.71 -28.15
C HIS C 129 -3.74 -31.76 -29.24
N VAL C 130 -4.66 -31.00 -29.82
CA VAL C 130 -4.24 -29.88 -30.64
C VAL C 130 -3.90 -28.73 -29.72
N ILE C 131 -2.70 -28.15 -29.86
CA ILE C 131 -2.23 -27.10 -28.95
C ILE C 131 -1.60 -25.96 -29.74
N ASP C 132 -2.01 -24.73 -29.44
CA ASP C 132 -1.39 -23.54 -30.02
C ASP C 132 -1.19 -22.53 -28.91
N ALA C 133 -0.02 -21.92 -28.87
CA ALA C 133 0.23 -20.85 -27.90
C ALA C 133 0.60 -19.59 -28.64
N PHE C 134 0.27 -18.44 -28.05
CA PHE C 134 0.71 -17.19 -28.64
C PHE C 134 0.88 -16.14 -27.55
N ARG C 135 1.69 -15.15 -27.88
CA ARG C 135 1.78 -13.98 -27.03
C ARG C 135 1.13 -12.80 -27.73
N PRO C 136 0.43 -11.95 -26.98
CA PRO C 136 -0.26 -10.82 -27.59
C PRO C 136 0.71 -9.87 -28.26
N ASP C 137 0.29 -9.38 -29.42
CA ASP C 137 0.95 -8.27 -30.11
C ASP C 137 0.44 -7.00 -29.45
N VAL C 138 1.30 -6.34 -28.67
CA VAL C 138 0.83 -5.23 -27.84
C VAL C 138 0.43 -4.00 -28.64
N THR C 139 0.75 -3.96 -29.93
CA THR C 139 0.28 -2.84 -30.73
C THR C 139 -1.12 -3.09 -31.30
N SER C 140 -1.70 -4.26 -31.07
CA SER C 140 -2.99 -4.58 -31.64
C SER C 140 -4.14 -4.06 -30.78
N SER C 141 -5.19 -3.59 -31.44
CA SER C 141 -6.38 -3.18 -30.70
C SER C 141 -7.04 -4.35 -29.97
N SER C 142 -6.70 -5.60 -30.31
CA SER C 142 -7.26 -6.74 -29.59
C SER C 142 -6.89 -6.73 -28.12
N PHE C 143 -5.83 -6.02 -27.74
CA PHE C 143 -5.32 -6.12 -26.38
C PHE C 143 -5.27 -4.79 -25.63
N GLN C 144 -5.82 -3.72 -26.19
CA GLN C 144 -5.91 -2.44 -25.48
C GLN C 144 -7.05 -2.52 -24.46
N ARG C 145 -7.08 -1.55 -23.55
CA ARG C 145 -8.13 -1.55 -22.55
C ARG C 145 -9.49 -1.45 -23.23
N PRO C 146 -10.42 -2.37 -22.94
CA PRO C 146 -11.66 -2.42 -23.71
C PRO C 146 -12.46 -1.15 -23.57
N VAL C 147 -12.98 -0.70 -24.69
CA VAL C 147 -13.93 0.40 -24.73
C VAL C 147 -15.34 -0.09 -25.01
N ASN C 148 -15.48 -1.17 -25.78
CA ASN C 148 -16.73 -1.86 -26.00
C ASN C 148 -16.78 -3.10 -25.09
N ASP C 149 -17.89 -3.83 -25.16
CA ASP C 149 -18.04 -5.02 -24.33
C ASP C 149 -16.95 -6.04 -24.62
N MET C 150 -16.51 -6.12 -25.89
CA MET C 150 -15.50 -7.08 -26.34
C MET C 150 -14.51 -6.40 -27.24
N ASN C 151 -13.21 -6.67 -27.04
CA ASN C 151 -12.24 -6.28 -28.05
C ASN C 151 -12.37 -7.17 -29.27
N ILE C 152 -11.74 -6.75 -30.36
CA ILE C 152 -11.63 -7.58 -31.56
C ILE C 152 -10.89 -8.87 -31.20
N ALA C 153 -11.39 -9.99 -31.70
CA ALA C 153 -10.84 -11.30 -31.34
C ALA C 153 -9.50 -11.54 -32.05
N SER C 154 -8.69 -12.44 -31.49
CA SER C 154 -7.47 -12.84 -32.19
C SER C 154 -7.17 -14.30 -31.87
N GLY C 155 -6.50 -14.97 -32.77
CA GLY C 155 -6.28 -16.38 -32.55
C GLY C 155 -5.95 -17.14 -33.81
N CYS C 156 -6.49 -18.35 -33.94
CA CYS C 156 -6.04 -19.32 -34.95
C CYS C 156 -7.17 -19.69 -35.92
N PRO C 157 -7.21 -19.08 -37.10
CA PRO C 157 -8.20 -19.52 -38.11
C PRO C 157 -7.99 -20.93 -38.56
N LEU C 158 -6.78 -21.46 -38.44
CA LEU C 158 -6.43 -22.78 -38.91
C LEU C 158 -6.20 -23.73 -37.74
N PHE C 159 -7.04 -23.62 -36.71
CA PHE C 159 -6.77 -24.32 -35.47
C PHE C 159 -6.75 -25.84 -35.68
N CYS C 160 -7.72 -26.37 -36.40
CA CYS C 160 -7.79 -27.83 -36.58
C CYS C 160 -8.53 -28.14 -37.86
N PRO C 161 -7.97 -28.96 -38.76
CA PRO C 161 -8.73 -29.33 -39.96
C PRO C 161 -10.06 -29.95 -39.57
N VAL C 162 -11.10 -29.58 -40.32
CA VAL C 162 -12.42 -30.16 -40.09
C VAL C 162 -12.40 -31.66 -40.29
N SER C 163 -11.61 -32.14 -41.27
CA SER C 163 -11.51 -33.57 -41.51
C SER C 163 -10.87 -34.32 -40.35
N LYS C 164 -10.13 -33.64 -39.49
CA LYS C 164 -9.49 -34.32 -38.37
C LYS C 164 -10.48 -34.69 -37.28
N MET C 165 -11.62 -34.01 -37.20
CA MET C 165 -12.67 -34.37 -36.26
C MET C 165 -13.86 -34.95 -37.04
N GLU C 166 -13.79 -36.24 -37.32
CA GLU C 166 -14.82 -36.94 -38.08
C GLU C 166 -15.01 -38.28 -37.40
N ALA C 167 -15.60 -39.24 -38.10
CA ALA C 167 -15.77 -40.57 -37.50
C ALA C 167 -14.40 -41.13 -37.08
N LYS C 168 -14.37 -41.72 -35.88
CA LYS C 168 -13.17 -42.31 -35.28
C LYS C 168 -12.06 -41.29 -35.04
N ASN C 169 -12.42 -40.00 -34.95
CA ASN C 169 -11.42 -38.96 -34.79
C ASN C 169 -10.83 -38.93 -33.38
N SER C 170 -11.67 -39.18 -32.37
CA SER C 170 -11.42 -39.14 -30.93
C SER C 170 -11.39 -37.72 -30.36
N TYR C 171 -11.47 -36.65 -31.17
CA TYR C 171 -11.75 -35.33 -30.59
C TYR C 171 -13.23 -35.19 -30.25
N VAL C 172 -14.11 -35.73 -31.09
CA VAL C 172 -15.54 -35.79 -30.82
C VAL C 172 -15.84 -37.14 -30.19
N ARG C 173 -16.41 -37.12 -28.99
CA ARG C 173 -16.86 -38.32 -28.31
C ARG C 173 -18.22 -38.04 -27.70
N ASP C 174 -19.17 -38.93 -27.91
CA ASP C 174 -20.54 -38.78 -27.40
C ASP C 174 -21.11 -37.42 -27.75
N ASP C 175 -20.88 -36.99 -28.99
CA ASP C 175 -21.45 -35.73 -29.51
C ASP C 175 -20.99 -34.48 -28.76
N ALA C 176 -19.78 -34.50 -28.21
CA ALA C 176 -19.25 -33.31 -27.55
C ALA C 176 -17.76 -33.16 -27.85
N ILE C 177 -17.28 -31.91 -27.78
CA ILE C 177 -15.85 -31.64 -27.82
C ILE C 177 -15.50 -30.80 -26.60
N PHE C 178 -14.22 -30.80 -26.26
CA PHE C 178 -13.70 -30.04 -25.12
C PHE C 178 -12.59 -29.14 -25.61
N ILE C 179 -12.72 -27.84 -25.34
CA ILE C 179 -11.72 -26.82 -25.64
C ILE C 179 -11.12 -26.36 -24.32
N LYS C 180 -9.81 -26.22 -24.25
CA LYS C 180 -9.19 -25.75 -23.03
C LYS C 180 -8.34 -24.53 -23.34
N ALA C 181 -8.43 -23.52 -22.49
CA ALA C 181 -7.57 -22.36 -22.59
C ALA C 181 -6.83 -22.17 -21.27
N ILE C 182 -5.56 -21.80 -21.38
CA ILE C 182 -4.72 -21.51 -20.22
C ILE C 182 -4.11 -20.14 -20.45
N VAL C 183 -4.39 -19.20 -19.55
CA VAL C 183 -3.79 -17.88 -19.64
C VAL C 183 -2.67 -17.83 -18.62
N ASP C 184 -1.45 -17.56 -19.08
CA ASP C 184 -0.32 -17.52 -18.17
C ASP C 184 -0.46 -16.35 -17.20
N LEU C 185 -0.07 -16.57 -15.94
CA LEU C 185 -0.27 -15.57 -14.88
C LEU C 185 1.01 -14.86 -14.45
N THR C 186 2.12 -15.09 -15.16
CA THR C 186 3.37 -14.42 -14.82
C THR C 186 3.20 -12.91 -14.83
N GLY C 187 3.68 -12.26 -13.77
CA GLY C 187 3.61 -10.81 -13.68
C GLY C 187 2.30 -10.25 -13.16
N LEU C 188 1.31 -11.09 -12.90
CA LEU C 188 0.05 -10.60 -12.37
C LEU C 188 0.04 -10.72 -10.86
N ALA D 21 40.60 26.64 12.66
CA ALA D 21 41.06 25.50 11.87
C ALA D 21 40.13 24.29 12.02
N MET D 22 40.50 23.37 12.91
CA MET D 22 39.77 22.10 13.02
C MET D 22 38.36 22.31 13.55
N ALA D 23 38.18 23.17 14.56
CA ALA D 23 36.89 23.34 15.22
C ALA D 23 35.88 24.12 14.39
N ASP D 24 36.33 24.80 13.34
CA ASP D 24 35.40 25.44 12.41
C ASP D 24 34.40 24.42 11.88
N LEU D 25 34.89 23.24 11.51
CA LEU D 25 34.00 22.18 11.05
C LEU D 25 33.05 21.72 12.15
N GLU D 26 33.55 21.58 13.37
CA GLU D 26 32.69 21.15 14.47
C GLU D 26 31.52 22.11 14.65
N GLN D 27 31.83 23.41 14.63
CA GLN D 27 30.77 24.41 14.77
C GLN D 27 29.80 24.35 13.61
N LYS D 28 30.29 24.19 12.39
CA LYS D 28 29.39 24.09 11.24
C LYS D 28 28.46 22.89 11.37
N VAL D 29 28.98 21.74 11.80
CA VAL D 29 28.16 20.53 11.92
C VAL D 29 27.09 20.73 12.98
N LEU D 30 27.45 21.31 14.13
CA LEU D 30 26.44 21.54 15.16
C LEU D 30 25.38 22.55 14.71
N GLU D 31 25.81 23.64 14.09
CA GLU D 31 24.88 24.63 13.55
C GLU D 31 23.88 23.99 12.61
N MET D 32 24.37 23.19 11.67
CA MET D 32 23.49 22.52 10.72
C MET D 32 22.56 21.53 11.40
N GLU D 33 23.07 20.80 12.39
CA GLU D 33 22.25 19.89 13.19
C GLU D 33 21.08 20.62 13.82
N ALA D 34 21.29 21.84 14.30
CA ALA D 34 20.26 22.52 15.08
C ALA D 34 19.33 23.41 14.26
N SER D 35 19.71 23.79 13.04
CA SER D 35 18.98 24.83 12.32
C SER D 35 17.57 24.37 11.92
N THR D 36 16.62 25.29 11.97
CA THR D 36 15.26 25.11 11.48
C THR D 36 14.95 26.27 10.53
N TYR D 37 13.91 26.09 9.71
CA TYR D 37 13.63 27.03 8.62
C TYR D 37 12.16 27.42 8.57
N ASP D 38 11.48 27.41 9.70
CA ASP D 38 10.07 27.75 9.71
C ASP D 38 9.74 28.71 10.84
N GLY D 39 10.75 29.35 11.42
CA GLY D 39 10.53 30.32 12.50
C GLY D 39 10.27 29.71 13.87
N VAL D 40 10.32 28.38 14.00
CA VAL D 40 10.07 27.72 15.28
C VAL D 40 11.38 27.08 15.72
N PHE D 41 11.86 27.46 16.90
CA PHE D 41 13.10 26.92 17.44
C PHE D 41 12.88 26.38 18.86
N ILE D 42 13.44 25.21 19.14
CA ILE D 42 13.42 24.62 20.46
C ILE D 42 14.86 24.40 20.89
N TRP D 43 15.23 24.98 22.01
CA TRP D 43 16.59 25.04 22.50
C TRP D 43 16.62 24.23 23.79
N LYS D 44 17.22 23.06 23.73
CA LYS D 44 17.36 22.23 24.92
C LYS D 44 18.71 22.56 25.54
N ILE D 45 18.67 23.02 26.77
CA ILE D 45 19.88 23.32 27.51
C ILE D 45 20.08 22.20 28.52
N SER D 46 21.09 21.37 28.25
CA SER D 46 21.47 20.27 29.12
C SER D 46 22.52 20.74 30.11
N ASP D 47 22.79 19.89 31.11
CA ASP D 47 23.74 20.22 32.17
C ASP D 47 23.34 21.54 32.84
N PHE D 48 22.05 21.66 33.12
CA PHE D 48 21.48 22.93 33.58
C PHE D 48 22.16 23.43 34.85
N ALA D 49 22.32 22.54 35.83
CA ALA D 49 22.87 22.98 37.12
C ALA D 49 24.27 23.55 36.96
N ARG D 50 25.11 22.90 36.15
CA ARG D 50 26.46 23.43 35.91
C ARG D 50 26.41 24.83 35.33
N LYS D 51 25.70 25.00 34.21
CA LYS D 51 25.71 26.28 33.51
C LYS D 51 25.07 27.37 34.37
N ARG D 52 24.06 27.01 35.17
CA ARG D 52 23.49 27.94 36.12
C ARG D 52 24.52 28.37 37.18
N GLN D 53 25.30 27.41 37.69
CA GLN D 53 26.35 27.76 38.66
C GLN D 53 27.40 28.68 38.03
N GLU D 54 27.79 28.41 36.77
CA GLU D 54 28.73 29.29 36.11
C GLU D 54 28.15 30.69 35.88
N ALA D 55 26.84 30.79 35.65
CA ALA D 55 26.25 32.12 35.49
C ALA D 55 26.23 32.88 36.82
N VAL D 56 25.87 32.21 37.92
CA VAL D 56 25.81 32.92 39.19
C VAL D 56 27.23 33.27 39.67
N ALA D 57 28.19 32.38 39.43
CA ALA D 57 29.58 32.68 39.76
C ALA D 57 30.15 33.79 38.88
N GLY D 58 29.58 34.02 37.71
CA GLY D 58 30.04 35.09 36.85
C GLY D 58 31.05 34.71 35.81
N ARG D 59 31.41 33.43 35.69
CA ARG D 59 32.39 33.01 34.68
C ARG D 59 31.74 32.82 33.31
N ILE D 60 30.51 32.31 33.26
CA ILE D 60 29.77 32.21 32.01
C ILE D 60 28.40 32.86 32.21
N PRO D 61 28.31 34.19 32.10
CA PRO D 61 27.01 34.84 32.33
C PRO D 61 25.98 34.55 31.24
N ALA D 62 26.42 34.32 30.00
CA ALA D 62 25.50 34.24 28.86
C ALA D 62 25.83 33.06 27.95
N ILE D 63 24.79 32.53 27.33
CA ILE D 63 24.90 31.45 26.36
C ILE D 63 24.12 31.84 25.12
N PHE D 64 24.72 31.70 23.95
CA PHE D 64 24.04 31.83 22.66
C PHE D 64 23.45 30.49 22.27
N SER D 65 22.24 30.52 21.70
CA SER D 65 21.68 29.35 21.06
C SER D 65 22.27 29.19 19.67
N PRO D 66 22.08 28.03 19.04
CA PRO D 66 22.38 27.91 17.61
C PRO D 66 21.41 28.77 16.81
N ALA D 67 21.74 28.94 15.53
CA ALA D 67 20.96 29.80 14.65
C ALA D 67 19.75 29.05 14.05
N PHE D 68 18.72 29.81 13.72
CA PHE D 68 17.55 29.28 13.01
C PHE D 68 17.00 30.36 12.08
N TYR D 69 16.05 29.99 11.22
CA TYR D 69 15.63 30.86 10.12
C TYR D 69 14.12 30.93 10.03
N THR D 70 13.62 32.05 9.49
CA THR D 70 12.18 32.21 9.28
C THR D 70 11.70 31.38 8.10
N SER D 71 12.56 31.12 7.13
CA SER D 71 12.24 30.33 5.95
C SER D 71 13.54 29.88 5.33
N ARG D 72 13.45 29.10 4.26
CA ARG D 72 14.65 28.47 3.72
C ARG D 72 15.71 29.50 3.41
N TYR D 73 15.29 30.65 2.90
CA TYR D 73 16.19 31.73 2.55
C TYR D 73 15.82 33.01 3.29
N GLY D 74 15.48 32.90 4.58
CA GLY D 74 14.94 33.99 5.34
C GLY D 74 15.93 34.59 6.32
N TYR D 75 15.40 35.34 7.29
CA TYR D 75 16.20 35.94 8.33
C TYR D 75 16.95 34.88 9.13
N LYS D 76 18.20 35.18 9.49
CA LYS D 76 18.99 34.34 10.38
C LYS D 76 18.91 34.89 11.80
N MET D 77 18.68 34.01 12.79
CA MET D 77 18.37 34.45 14.14
C MET D 77 19.04 33.52 15.13
N CYS D 78 19.21 34.02 16.36
CA CYS D 78 19.56 33.13 17.47
C CYS D 78 19.03 33.73 18.76
N LEU D 79 19.27 33.03 19.87
CA LEU D 79 18.87 33.49 21.19
C LEU D 79 20.09 33.62 22.09
N ARG D 80 19.94 34.46 23.12
CA ARG D 80 20.98 34.65 24.13
C ARG D 80 20.32 34.62 25.50
N ILE D 81 20.82 33.76 26.38
CA ILE D 81 20.18 33.52 27.68
C ILE D 81 21.17 33.83 28.80
N TYR D 82 20.64 34.44 29.87
CA TYR D 82 21.36 34.73 31.11
C TYR D 82 20.64 33.98 32.22
N LEU D 83 21.22 32.83 32.61
CA LEU D 83 20.61 31.96 33.60
C LEU D 83 20.62 32.58 35.00
N ASN D 84 21.42 33.62 35.21
CA ASN D 84 21.38 34.39 36.45
C ASN D 84 21.01 35.84 36.20
N GLY D 85 20.57 36.17 35.00
CA GLY D 85 19.97 37.46 34.73
C GLY D 85 20.94 38.50 34.20
N ASP D 86 20.39 39.47 33.49
CA ASP D 86 21.15 40.59 32.95
C ASP D 86 20.41 41.89 33.24
N GLY D 87 21.17 42.96 33.42
CA GLY D 87 20.57 44.27 33.59
C GLY D 87 19.59 44.30 34.74
N THR D 88 18.36 44.75 34.45
CA THR D 88 17.33 44.88 35.46
C THR D 88 16.94 43.53 36.07
N GLY D 89 17.28 42.43 35.42
CA GLY D 89 17.04 41.11 35.97
C GLY D 89 18.24 40.46 36.63
N ARG D 90 19.36 41.17 36.76
CA ARG D 90 20.58 40.55 37.26
C ARG D 90 20.36 39.91 38.62
N GLY D 91 20.72 38.63 38.73
CA GLY D 91 20.62 37.88 39.97
C GLY D 91 19.22 37.54 40.43
N THR D 92 18.18 38.07 39.79
CA THR D 92 16.79 37.91 40.20
C THR D 92 15.94 37.16 39.17
N HIS D 93 16.18 37.37 37.88
CA HIS D 93 15.35 36.79 36.84
C HIS D 93 16.20 36.01 35.86
N LEU D 94 15.59 34.99 35.26
CA LEU D 94 16.08 34.49 33.99
C LEU D 94 15.92 35.57 32.93
N SER D 95 16.97 35.83 32.16
CA SER D 95 16.92 36.86 31.12
C SER D 95 17.06 36.22 29.75
N LEU D 96 16.14 36.53 28.84
CA LEU D 96 16.10 35.87 27.55
C LEU D 96 15.99 36.89 26.43
N PHE D 97 16.88 36.79 25.43
CA PHE D 97 16.97 37.78 24.38
C PHE D 97 17.02 37.14 23.00
N PHE D 98 16.51 37.88 22.02
CA PHE D 98 16.49 37.55 20.61
C PHE D 98 17.62 38.29 19.90
N VAL D 99 18.25 37.65 18.91
CA VAL D 99 19.35 38.24 18.14
C VAL D 99 19.05 38.08 16.66
N VAL D 100 19.02 39.19 15.93
CA VAL D 100 19.06 39.15 14.47
C VAL D 100 20.52 39.04 14.06
N MET D 101 20.86 37.98 13.30
CA MET D 101 22.21 37.79 12.79
C MET D 101 22.29 38.08 11.30
N LYS D 102 23.49 38.38 10.84
CA LYS D 102 23.70 38.65 9.42
C LYS D 102 23.53 37.33 8.67
N GLY D 103 22.50 37.26 7.84
CA GLY D 103 22.21 36.02 7.13
C GLY D 103 22.67 36.10 5.69
N PRO D 104 22.87 34.94 5.06
CA PRO D 104 23.41 34.93 3.70
C PRO D 104 22.50 35.59 2.68
N ASN D 105 21.20 35.66 2.93
CA ASN D 105 20.27 36.21 1.97
C ASN D 105 19.63 37.52 2.43
N ASP D 106 20.32 38.25 3.30
CA ASP D 106 19.75 39.50 3.82
C ASP D 106 19.43 40.50 2.72
N ALA D 107 20.16 40.45 1.60
CA ALA D 107 19.91 41.36 0.50
C ALA D 107 18.55 41.14 -0.14
N LEU D 108 17.92 39.99 0.12
CA LEU D 108 16.63 39.65 -0.43
C LEU D 108 15.47 39.95 0.52
N LEU D 109 15.76 40.39 1.73
CA LEU D 109 14.75 40.51 2.78
C LEU D 109 14.35 41.96 3.02
N ARG D 110 13.19 42.13 3.63
CA ARG D 110 12.70 43.43 4.06
C ARG D 110 13.41 43.84 5.34
N TRP D 111 13.88 45.09 5.39
CA TRP D 111 14.41 45.65 6.63
C TRP D 111 13.70 46.97 6.90
N PRO D 112 13.51 47.33 8.18
CA PRO D 112 13.94 46.57 9.36
C PRO D 112 13.17 45.29 9.62
N PHE D 113 13.79 44.43 10.42
CA PHE D 113 13.11 43.25 10.91
C PHE D 113 11.88 43.69 11.72
N ASN D 114 10.73 43.11 11.39
CA ASN D 114 9.43 43.59 11.86
C ASN D 114 8.49 42.44 12.23
N GLN D 115 9.03 41.30 12.66
CA GLN D 115 8.21 40.14 12.97
C GLN D 115 8.04 40.00 14.47
N LYS D 116 6.80 39.73 14.90
CA LYS D 116 6.56 39.38 16.30
C LYS D 116 7.40 38.18 16.70
N VAL D 117 7.92 38.21 17.93
CA VAL D 117 8.71 37.12 18.49
C VAL D 117 8.07 36.68 19.79
N THR D 118 7.80 35.38 19.93
CA THR D 118 7.30 34.81 21.17
C THR D 118 8.39 33.93 21.76
N LEU D 119 8.65 34.10 23.07
CA LEU D 119 9.65 33.33 23.79
C LEU D 119 8.99 32.56 24.93
N MET D 120 9.38 31.29 25.12
CA MET D 120 8.73 30.43 26.10
C MET D 120 9.77 29.67 26.90
N LEU D 121 9.49 29.50 28.18
CA LEU D 121 10.15 28.49 29.00
C LEU D 121 9.15 27.36 29.20
N LEU D 122 9.46 26.20 28.65
CA LEU D 122 8.48 25.11 28.58
C LEU D 122 8.39 24.37 29.92
N ASP D 123 7.15 24.24 30.40
CA ASP D 123 6.83 23.37 31.53
C ASP D 123 6.80 21.92 31.04
N GLN D 124 7.60 21.05 31.65
CA GLN D 124 7.74 19.69 31.15
C GLN D 124 6.66 18.72 31.63
N ASN D 125 5.71 19.16 32.46
CA ASN D 125 4.42 18.46 32.49
C ASN D 125 3.36 19.22 31.74
N ASN D 126 3.74 20.30 31.03
CA ASN D 126 2.89 20.95 30.06
C ASN D 126 1.59 21.44 30.67
N ARG D 127 1.67 21.95 31.91
CA ARG D 127 0.50 22.53 32.54
C ARG D 127 0.44 24.04 32.38
N GLU D 128 1.56 24.73 32.57
CA GLU D 128 1.59 26.18 32.36
C GLU D 128 3.02 26.59 32.01
N HIS D 129 3.22 26.94 30.75
CA HIS D 129 4.49 27.45 30.29
C HIS D 129 4.65 28.90 30.73
N VAL D 130 5.89 29.36 30.80
CA VAL D 130 6.17 30.79 30.90
C VAL D 130 6.26 31.35 29.50
N ILE D 131 5.48 32.38 29.18
CA ILE D 131 5.48 32.86 27.81
C ILE D 131 5.48 34.39 27.81
N ASP D 132 6.27 34.96 26.91
CA ASP D 132 6.32 36.40 26.70
C ASP D 132 6.40 36.65 25.20
N ALA D 133 6.13 37.88 24.79
CA ALA D 133 6.23 38.17 23.37
C ALA D 133 6.48 39.65 23.17
N PHE D 134 7.03 39.99 22.02
CA PHE D 134 7.25 41.39 21.71
C PHE D 134 7.19 41.62 20.20
N ARG D 135 6.90 42.89 19.83
CA ARG D 135 6.99 43.40 18.47
C ARG D 135 8.26 44.21 18.34
N PRO D 136 9.06 43.99 17.31
CA PRO D 136 10.34 44.72 17.21
C PRO D 136 10.11 46.22 17.18
N ASP D 137 11.02 46.95 17.82
CA ASP D 137 11.04 48.40 17.74
C ASP D 137 11.87 48.75 16.51
N VAL D 138 11.18 49.17 15.44
CA VAL D 138 11.85 49.33 14.15
C VAL D 138 12.85 50.47 14.13
N THR D 139 12.84 51.35 15.13
CA THR D 139 13.87 52.37 15.25
C THR D 139 15.14 51.87 15.92
N SER D 140 15.10 50.71 16.57
CA SER D 140 16.25 50.21 17.30
C SER D 140 17.29 49.61 16.35
N SER D 141 18.57 49.80 16.71
CA SER D 141 19.62 49.17 15.94
C SER D 141 19.54 47.64 15.99
N SER D 142 18.82 47.09 16.98
CA SER D 142 18.72 45.64 17.09
C SER D 142 18.07 45.01 15.87
N PHE D 143 17.35 45.80 15.07
CA PHE D 143 16.50 45.26 14.01
C PHE D 143 16.81 45.83 12.63
N GLN D 144 17.91 46.58 12.48
CA GLN D 144 18.40 46.97 11.16
C GLN D 144 19.11 45.81 10.50
N ARG D 145 19.35 45.94 9.21
CA ARG D 145 20.12 44.91 8.51
C ARG D 145 21.52 44.84 9.14
N PRO D 146 21.98 43.67 9.54
CA PRO D 146 23.24 43.58 10.27
C PRO D 146 24.43 43.98 9.41
N VAL D 147 25.41 44.61 10.07
CA VAL D 147 26.70 44.88 9.47
C VAL D 147 27.78 43.96 10.03
N ASN D 148 27.74 43.66 11.33
CA ASN D 148 28.58 42.62 11.88
C ASN D 148 27.79 41.31 11.92
N ASP D 149 28.36 40.26 12.52
CA ASP D 149 27.69 38.97 12.48
C ASP D 149 26.37 38.99 13.25
N MET D 150 26.29 39.79 14.31
CA MET D 150 25.08 39.86 15.14
C MET D 150 24.78 41.31 15.48
N ASN D 151 23.49 41.68 15.41
CA ASN D 151 23.05 42.93 15.99
C ASN D 151 23.07 42.84 17.51
N ILE D 152 22.86 43.99 18.15
CA ILE D 152 22.70 43.97 19.60
C ILE D 152 21.44 43.20 19.93
N ALA D 153 21.56 42.27 20.87
CA ALA D 153 20.42 41.46 21.27
C ALA D 153 19.36 42.31 21.98
N SER D 154 18.11 41.87 21.92
CA SER D 154 17.06 42.59 22.64
C SER D 154 15.97 41.61 23.03
N GLY D 155 15.24 41.91 24.11
CA GLY D 155 14.25 40.97 24.57
C GLY D 155 13.67 41.24 25.94
N CYS D 156 13.69 40.22 26.80
CA CYS D 156 13.05 40.28 28.12
C CYS D 156 14.08 40.06 29.22
N PRO D 157 14.61 41.13 29.81
CA PRO D 157 15.49 40.96 30.98
C PRO D 157 14.76 40.37 32.16
N LEU D 158 13.45 40.49 32.23
CA LEU D 158 12.67 39.98 33.36
C LEU D 158 11.81 38.80 32.93
N PHE D 159 12.36 37.95 32.06
CA PHE D 159 11.55 36.90 31.44
C PHE D 159 10.91 35.99 32.49
N CYS D 160 11.68 35.59 33.48
CA CYS D 160 11.26 34.54 34.39
C CYS D 160 11.98 34.71 35.73
N PRO D 161 11.26 34.81 36.85
CA PRO D 161 11.95 34.83 38.14
C PRO D 161 12.78 33.56 38.31
N VAL D 162 14.00 33.75 38.84
CA VAL D 162 14.88 32.61 39.09
C VAL D 162 14.22 31.63 40.04
N SER D 163 13.30 32.10 40.89
CA SER D 163 12.59 31.24 41.82
C SER D 163 11.86 30.11 41.09
N LYS D 164 11.44 30.32 39.85
CA LYS D 164 10.75 29.28 39.09
C LYS D 164 11.65 28.12 38.72
N MET D 165 12.97 28.25 38.89
CA MET D 165 13.93 27.21 38.55
C MET D 165 14.40 26.42 39.77
N GLU D 166 13.61 26.41 40.84
CA GLU D 166 13.93 25.62 42.02
C GLU D 166 13.95 24.13 41.67
N ALA D 167 14.51 23.32 42.59
CA ALA D 167 14.43 21.88 42.43
C ALA D 167 12.98 21.39 42.37
N LYS D 168 12.08 22.04 43.11
CA LYS D 168 10.71 21.57 43.27
C LYS D 168 9.78 22.26 42.25
N ASN D 169 10.01 21.95 40.98
CA ASN D 169 9.10 22.37 39.92
C ASN D 169 9.39 21.51 38.69
N SER D 170 8.80 21.90 37.56
CA SER D 170 8.84 21.08 36.35
C SER D 170 9.37 21.82 35.12
N TYR D 171 9.99 22.98 35.28
CA TYR D 171 10.71 23.56 34.15
C TYR D 171 12.05 22.87 33.97
N VAL D 172 12.70 22.53 35.08
CA VAL D 172 13.97 21.80 35.08
C VAL D 172 13.66 20.33 35.34
N ARG D 173 13.98 19.47 34.37
CA ARG D 173 13.82 18.04 34.56
C ARG D 173 15.00 17.31 33.93
N ASP D 174 15.54 16.34 34.65
CA ASP D 174 16.70 15.57 34.22
C ASP D 174 17.85 16.51 33.87
N ASP D 175 18.02 17.57 34.67
CA ASP D 175 19.07 18.57 34.50
C ASP D 175 19.05 19.19 33.11
N ALA D 176 17.85 19.39 32.57
CA ALA D 176 17.69 20.06 31.29
C ALA D 176 16.46 20.97 31.33
N ILE D 177 16.53 22.05 30.55
CA ILE D 177 15.38 22.93 30.33
C ILE D 177 15.18 23.14 28.85
N PHE D 178 13.96 23.50 28.47
CA PHE D 178 13.60 23.72 27.07
C PHE D 178 13.10 25.14 26.89
N ILE D 179 13.74 25.89 25.98
CA ILE D 179 13.31 27.22 25.55
C ILE D 179 12.69 27.08 24.16
N LYS D 180 11.59 27.77 23.93
CA LYS D 180 10.96 27.73 22.62
C LYS D 180 10.78 29.15 22.10
N ALA D 181 11.10 29.37 20.84
CA ALA D 181 10.91 30.65 20.18
C ALA D 181 10.03 30.43 18.97
N ILE D 182 9.09 31.36 18.76
CA ILE D 182 8.16 31.35 17.65
C ILE D 182 8.23 32.72 17.01
N VAL D 183 8.77 32.80 15.81
CA VAL D 183 8.81 34.06 15.07
C VAL D 183 7.61 34.07 14.15
N ASP D 184 6.72 35.04 14.34
CA ASP D 184 5.54 35.12 13.52
C ASP D 184 5.92 35.38 12.07
N LEU D 185 5.21 34.74 11.13
CA LEU D 185 5.58 34.81 9.73
C LEU D 185 4.67 35.72 8.91
N THR D 186 3.77 36.46 9.53
CA THR D 186 2.90 37.37 8.78
C THR D 186 3.73 38.32 7.94
N GLY D 187 3.29 38.51 6.69
CA GLY D 187 3.99 39.37 5.77
C GLY D 187 5.15 38.72 5.06
N LEU D 188 5.47 37.47 5.38
CA LEU D 188 6.59 36.77 4.78
C LEU D 188 6.08 35.68 3.85
N ALA E 21 36.86 11.57 17.90
CA ALA E 21 37.76 12.04 16.84
C ALA E 21 36.96 12.40 15.58
N MET E 22 37.61 12.28 14.42
CA MET E 22 36.93 12.56 13.16
C MET E 22 35.95 11.47 12.77
N ALA E 23 36.14 10.22 13.24
CA ALA E 23 35.23 9.14 12.88
C ALA E 23 33.80 9.50 13.23
N ASP E 24 33.59 10.02 14.45
CA ASP E 24 32.24 10.37 14.87
C ASP E 24 31.70 11.56 14.09
N LEU E 25 32.55 12.50 13.66
CA LEU E 25 32.04 13.61 12.86
C LEU E 25 31.58 13.15 11.49
N GLU E 26 32.34 12.25 10.84
CA GLU E 26 31.84 11.74 9.56
C GLU E 26 30.57 10.92 9.75
N GLN E 27 30.48 10.16 10.85
CA GLN E 27 29.23 9.45 11.12
C GLN E 27 28.07 10.41 11.34
N LYS E 28 28.32 11.50 12.07
CA LYS E 28 27.30 12.51 12.33
C LYS E 28 26.80 13.12 11.05
N VAL E 29 27.73 13.41 10.12
CA VAL E 29 27.33 13.97 8.83
C VAL E 29 26.49 12.96 8.05
N LEU E 30 26.87 11.67 8.08
CA LEU E 30 26.06 10.66 7.39
C LEU E 30 24.66 10.57 7.96
N GLU E 31 24.54 10.59 9.30
CA GLU E 31 23.23 10.60 9.93
C GLU E 31 22.40 11.78 9.47
N MET E 32 23.00 12.97 9.50
CA MET E 32 22.28 14.16 9.08
C MET E 32 21.85 14.04 7.62
N GLU E 33 22.70 13.43 6.79
CA GLU E 33 22.38 13.28 5.38
C GLU E 33 21.13 12.42 5.19
N ALA E 34 20.96 11.39 6.03
CA ALA E 34 19.82 10.51 5.88
C ALA E 34 18.55 10.95 6.62
N SER E 35 18.65 11.82 7.61
CA SER E 35 17.51 12.11 8.46
C SER E 35 16.40 12.83 7.70
N THR E 36 15.15 12.48 7.99
CA THR E 36 13.98 13.25 7.56
C THR E 36 13.16 13.66 8.78
N TYR E 37 12.32 14.68 8.60
CA TYR E 37 11.60 15.28 9.71
C TYR E 37 10.11 15.36 9.45
N ASP E 38 9.57 14.49 8.58
CA ASP E 38 8.16 14.53 8.26
C ASP E 38 7.52 13.14 8.34
N GLY E 39 8.19 12.17 8.97
CA GLY E 39 7.61 10.86 9.16
C GLY E 39 7.71 9.94 7.95
N VAL E 40 8.30 10.40 6.84
CA VAL E 40 8.45 9.59 5.63
C VAL E 40 9.93 9.31 5.46
N PHE E 41 10.28 8.04 5.24
CA PHE E 41 11.68 7.65 5.13
C PHE E 41 11.80 6.61 4.02
N ILE E 42 12.79 6.76 3.15
CA ILE E 42 13.10 5.72 2.17
C ILE E 42 14.53 5.27 2.42
N TRP E 43 14.70 3.97 2.59
CA TRP E 43 15.95 3.34 2.96
C TRP E 43 16.41 2.55 1.75
N LYS E 44 17.49 3.00 1.12
CA LYS E 44 18.05 2.30 -0.03
C LYS E 44 19.12 1.37 0.53
N ILE E 45 18.94 0.07 0.33
CA ILE E 45 19.89 -0.92 0.79
C ILE E 45 20.62 -1.38 -0.47
N SER E 46 21.84 -0.89 -0.64
CA SER E 46 22.74 -1.27 -1.73
C SER E 46 23.53 -2.52 -1.36
N ASP E 47 24.24 -3.06 -2.35
CA ASP E 47 24.99 -4.30 -2.16
C ASP E 47 24.08 -5.40 -1.61
N PHE E 48 22.88 -5.50 -2.19
CA PHE E 48 21.88 -6.39 -1.63
C PHE E 48 22.37 -7.83 -1.54
N ALA E 49 22.94 -8.38 -2.62
CA ALA E 49 23.29 -9.81 -2.60
C ALA E 49 24.34 -10.13 -1.54
N ARG E 50 25.36 -9.26 -1.39
CA ARG E 50 26.35 -9.49 -0.33
C ARG E 50 25.69 -9.48 1.05
N LYS E 51 24.83 -8.49 1.30
CA LYS E 51 24.20 -8.38 2.63
C LYS E 51 23.25 -9.54 2.88
N ARG E 52 22.50 -9.93 1.84
CA ARG E 52 21.61 -11.07 1.93
C ARG E 52 22.37 -12.33 2.28
N GLN E 53 23.50 -12.57 1.62
CA GLN E 53 24.31 -13.75 1.94
C GLN E 53 24.87 -13.67 3.35
N GLU E 54 25.25 -12.46 3.78
CA GLU E 54 25.73 -12.25 5.14
C GLU E 54 24.66 -12.60 6.17
N ALA E 55 23.39 -12.34 5.83
CA ALA E 55 22.27 -12.75 6.67
C ALA E 55 22.07 -14.26 6.60
N VAL E 56 22.07 -14.81 5.39
CA VAL E 56 21.88 -16.26 5.20
C VAL E 56 22.94 -17.04 5.98
N ALA E 57 24.20 -16.60 5.92
CA ALA E 57 25.27 -17.31 6.62
C ALA E 57 25.24 -17.06 8.12
N GLY E 58 24.44 -16.13 8.60
CA GLY E 58 24.36 -15.80 10.00
C GLY E 58 25.40 -14.84 10.54
N ARG E 59 26.27 -14.28 9.69
CA ARG E 59 27.26 -13.34 10.21
C ARG E 59 26.62 -12.02 10.63
N ILE E 60 25.70 -11.51 9.82
CA ILE E 60 25.04 -10.24 10.09
C ILE E 60 23.55 -10.49 9.88
N PRO E 61 22.83 -11.02 10.87
CA PRO E 61 21.41 -11.32 10.65
C PRO E 61 20.56 -10.11 10.34
N ALA E 62 20.84 -8.96 10.97
CA ALA E 62 19.98 -7.80 10.87
C ALA E 62 20.79 -6.55 10.60
N ILE E 63 20.13 -5.57 9.96
CA ILE E 63 20.71 -4.26 9.63
C ILE E 63 19.74 -3.20 10.11
N PHE E 64 20.28 -2.11 10.65
CA PHE E 64 19.51 -0.94 11.06
C PHE E 64 19.57 0.13 9.99
N SER E 65 18.45 0.82 9.78
CA SER E 65 18.42 2.01 8.95
C SER E 65 18.95 3.22 9.72
N PRO E 66 19.27 4.31 9.02
CA PRO E 66 19.49 5.58 9.73
C PRO E 66 18.22 6.01 10.44
N ALA E 67 18.38 6.99 11.34
CA ALA E 67 17.26 7.51 12.11
C ALA E 67 16.49 8.57 11.34
N PHE E 68 15.19 8.64 11.61
CA PHE E 68 14.38 9.72 11.07
C PHE E 68 13.35 10.11 12.13
N TYR E 69 12.57 11.17 11.83
CA TYR E 69 11.77 11.82 12.87
C TYR E 69 10.36 12.13 12.36
N THR E 70 9.41 12.23 13.30
CA THR E 70 8.05 12.64 12.91
C THR E 70 7.96 14.14 12.66
N SER E 71 8.82 14.93 13.28
CA SER E 71 8.88 16.37 13.06
C SER E 71 10.26 16.81 13.53
N ARG E 72 10.53 18.10 13.34
CA ARG E 72 11.84 18.64 13.69
C ARG E 72 12.22 18.32 15.13
N TYR E 73 11.25 18.31 16.04
CA TYR E 73 11.45 17.99 17.45
C TYR E 73 10.56 16.84 17.88
N GLY E 74 10.44 15.81 17.02
CA GLY E 74 9.50 14.74 17.24
C GLY E 74 10.16 13.45 17.67
N TYR E 75 9.41 12.35 17.55
CA TYR E 75 9.95 11.03 17.86
C TYR E 75 11.13 10.71 16.95
N LYS E 76 12.11 10.01 17.51
CA LYS E 76 13.25 9.48 16.78
C LYS E 76 13.03 7.99 16.52
N MET E 77 13.18 7.57 15.26
CA MET E 77 12.78 6.24 14.85
C MET E 77 13.82 5.65 13.90
N CYS E 78 13.86 4.34 13.78
CA CYS E 78 14.60 3.73 12.68
C CYS E 78 13.94 2.41 12.31
N LEU E 79 14.48 1.76 11.29
CA LEU E 79 14.00 0.47 10.84
C LEU E 79 15.07 -0.58 11.08
N ARG E 80 14.63 -1.82 11.21
CA ARG E 80 15.54 -2.96 11.34
C ARG E 80 15.03 -4.08 10.46
N ILE E 81 15.90 -4.62 9.60
CA ILE E 81 15.48 -5.65 8.64
C ILE E 81 16.37 -6.88 8.81
N TYR E 82 15.76 -8.05 8.60
CA TYR E 82 16.46 -9.33 8.53
C TYR E 82 16.26 -9.85 7.11
N LEU E 83 17.31 -9.77 6.30
CA LEU E 83 17.22 -10.16 4.91
C LEU E 83 17.02 -11.66 4.74
N ASN E 84 17.20 -12.46 5.80
CA ASN E 84 16.82 -13.87 5.76
C ASN E 84 15.91 -14.23 6.92
N GLY E 85 15.23 -13.23 7.50
CA GLY E 85 14.10 -13.49 8.38
C GLY E 85 14.48 -13.59 9.84
N ASP E 86 13.48 -13.33 10.68
CA ASP E 86 13.58 -13.44 12.13
C ASP E 86 12.33 -14.15 12.66
N GLY E 87 12.50 -14.92 13.74
CA GLY E 87 11.36 -15.57 14.37
C GLY E 87 10.70 -16.54 13.43
N THR E 88 9.37 -16.45 13.32
CA THR E 88 8.62 -17.31 12.40
C THR E 88 9.06 -17.14 10.95
N GLY E 89 9.68 -16.01 10.61
CA GLY E 89 10.15 -15.81 9.26
C GLY E 89 11.54 -16.30 8.92
N ARG E 90 12.29 -16.81 9.90
CA ARG E 90 13.69 -17.18 9.67
C ARG E 90 13.83 -18.14 8.50
N GLY E 91 14.57 -17.71 7.47
CA GLY E 91 14.90 -18.55 6.32
C GLY E 91 13.84 -18.62 5.24
N THR E 92 12.66 -18.03 5.46
CA THR E 92 11.60 -18.04 4.47
C THR E 92 11.13 -16.64 4.08
N HIS E 93 11.33 -15.64 4.92
CA HIS E 93 10.78 -14.32 4.66
C HIS E 93 11.82 -13.25 4.97
N LEU E 94 11.70 -12.11 4.30
CA LEU E 94 12.27 -10.89 4.84
C LEU E 94 11.46 -10.47 6.05
N SER E 95 12.13 -10.05 7.12
CA SER E 95 11.44 -9.60 8.32
C SER E 95 11.78 -8.14 8.54
N LEU E 96 10.76 -7.29 8.69
CA LEU E 96 10.97 -5.83 8.74
C LEU E 96 10.30 -5.24 9.97
N PHE E 97 11.04 -4.46 10.74
CA PHE E 97 10.61 -3.97 12.04
C PHE E 97 10.80 -2.46 12.14
N PHE E 98 9.99 -1.85 12.99
CA PHE E 98 9.98 -0.44 13.33
C PHE E 98 10.54 -0.29 14.74
N VAL E 99 11.33 0.76 14.97
CA VAL E 99 12.03 0.94 16.23
C VAL E 99 11.84 2.36 16.72
N VAL E 100 11.39 2.50 17.96
CA VAL E 100 11.39 3.80 18.64
C VAL E 100 12.73 3.93 19.35
N MET E 101 13.45 5.00 19.04
CA MET E 101 14.74 5.26 19.66
C MET E 101 14.58 6.33 20.73
N LYS E 102 15.55 6.38 21.63
CA LYS E 102 15.61 7.50 22.56
C LYS E 102 15.97 8.75 21.78
N GLY E 103 15.08 9.74 21.81
CA GLY E 103 15.26 10.97 21.05
C GLY E 103 15.59 12.13 21.97
N PRO E 104 16.21 13.18 21.43
CA PRO E 104 16.63 14.32 22.28
C PRO E 104 15.49 15.07 22.95
N ASN E 105 14.30 15.04 22.36
CA ASN E 105 13.14 15.78 22.88
C ASN E 105 12.05 14.88 23.43
N ASP E 106 12.42 13.66 23.87
CA ASP E 106 11.39 12.75 24.37
C ASP E 106 10.59 13.34 25.52
N ALA E 107 11.21 14.16 26.38
CA ALA E 107 10.49 14.74 27.51
C ALA E 107 9.31 15.60 27.07
N LEU E 108 9.31 16.09 25.84
CA LEU E 108 8.25 16.95 25.34
C LEU E 108 7.14 16.19 24.63
N LEU E 109 7.31 14.88 24.43
CA LEU E 109 6.41 14.11 23.59
C LEU E 109 5.42 13.29 24.41
N ARG E 110 4.32 12.91 23.78
CA ARG E 110 3.33 12.04 24.40
C ARG E 110 3.77 10.59 24.36
N TRP E 111 3.60 9.89 25.48
CA TRP E 111 3.89 8.46 25.61
C TRP E 111 2.69 7.73 26.19
N PRO E 112 2.40 6.52 25.71
CA PRO E 112 3.17 5.78 24.68
C PRO E 112 3.00 6.29 23.25
N PHE E 113 4.02 5.98 22.42
CA PHE E 113 3.92 6.24 21.00
C PHE E 113 2.70 5.53 20.44
N ASN E 114 1.90 6.27 19.66
CA ASN E 114 0.58 5.81 19.25
C ASN E 114 0.25 6.11 17.79
N GLN E 115 1.26 6.27 16.92
CA GLN E 115 1.03 6.63 15.52
C GLN E 115 0.99 5.40 14.61
N LYS E 116 0.03 5.38 13.68
CA LYS E 116 0.00 4.33 12.66
C LYS E 116 1.29 4.34 11.84
N VAL E 117 1.79 3.15 11.51
CA VAL E 117 3.03 3.02 10.75
C VAL E 117 2.74 2.15 9.52
N THR E 118 3.22 2.58 8.36
CA THR E 118 3.09 1.85 7.11
C THR E 118 4.50 1.51 6.65
N LEU E 119 4.72 0.25 6.28
CA LEU E 119 6.03 -0.24 5.86
C LEU E 119 5.89 -0.84 4.47
N MET E 120 6.84 -0.52 3.58
CA MET E 120 6.74 -1.04 2.22
C MET E 120 8.09 -1.46 1.67
N LEU E 121 8.03 -2.48 0.82
CA LEU E 121 9.13 -2.87 -0.04
C LEU E 121 8.73 -2.43 -1.44
N LEU E 122 9.51 -1.53 -2.02
CA LEU E 122 9.08 -0.86 -3.24
C LEU E 122 9.43 -1.69 -4.46
N ASP E 123 8.44 -1.89 -5.33
CA ASP E 123 8.66 -2.48 -6.64
C ASP E 123 9.37 -1.44 -7.51
N GLN E 124 10.44 -1.83 -8.16
CA GLN E 124 11.12 -0.88 -9.03
C GLN E 124 10.56 -0.90 -10.44
N ASN E 125 9.39 -1.51 -10.63
CA ASN E 125 8.50 -1.26 -11.76
C ASN E 125 7.19 -0.62 -11.35
N ASN E 126 7.04 -0.30 -10.05
CA ASN E 126 5.85 0.30 -9.45
C ASN E 126 4.59 -0.51 -9.72
N ARG E 127 4.75 -1.76 -10.14
CA ARG E 127 3.56 -2.58 -10.40
C ARG E 127 2.84 -2.93 -9.09
N GLU E 128 3.59 -3.39 -8.09
CA GLU E 128 2.95 -3.80 -6.84
C GLU E 128 3.99 -3.71 -5.71
N HIS E 129 3.90 -2.67 -4.90
CA HIS E 129 4.71 -2.62 -3.70
C HIS E 129 4.18 -3.66 -2.70
N VAL E 130 5.06 -4.18 -1.87
CA VAL E 130 4.64 -4.95 -0.70
C VAL E 130 4.37 -3.95 0.41
N ILE E 131 3.15 -3.96 0.97
CA ILE E 131 2.73 -2.97 1.96
C ILE E 131 2.22 -3.67 3.20
N ASP E 132 2.56 -3.14 4.36
CA ASP E 132 1.96 -3.54 5.63
C ASP E 132 1.69 -2.29 6.44
N ALA E 133 0.61 -2.29 7.21
CA ALA E 133 0.35 -1.20 8.13
C ALA E 133 0.01 -1.76 9.50
N PHE E 134 0.40 -1.05 10.54
CA PHE E 134 -0.04 -1.46 11.88
C PHE E 134 -0.22 -0.25 12.78
N ARG E 135 -1.04 -0.45 13.78
CA ARG E 135 -1.18 0.51 14.86
C ARG E 135 -0.47 -0.03 16.09
N PRO E 136 0.27 0.82 16.80
CA PRO E 136 1.01 0.33 17.96
C PRO E 136 0.11 -0.28 19.02
N ASP E 137 0.56 -1.40 19.57
CA ASP E 137 -0.03 -1.93 20.79
C ASP E 137 0.45 -1.08 21.95
N VAL E 138 -0.43 -0.23 22.47
CA VAL E 138 -0.08 0.73 23.50
C VAL E 138 0.41 0.07 24.80
N THR E 139 0.08 -1.21 25.03
CA THR E 139 0.57 -1.91 26.21
C THR E 139 1.97 -2.50 26.02
N SER E 140 2.52 -2.46 24.82
CA SER E 140 3.80 -3.12 24.56
C SER E 140 4.95 -2.24 24.99
N SER E 141 6.01 -2.87 25.49
CA SER E 141 7.20 -2.09 25.84
C SER E 141 7.85 -1.44 24.62
N SER E 142 7.54 -1.88 23.40
CA SER E 142 8.11 -1.27 22.21
C SER E 142 7.74 0.22 22.08
N PHE E 143 6.66 0.66 22.72
CA PHE E 143 6.19 2.02 22.50
C PHE E 143 6.24 2.89 23.74
N GLN E 144 6.89 2.44 24.80
CA GLN E 144 7.05 3.28 25.97
C GLN E 144 8.15 4.30 25.70
N ARG E 145 8.21 5.33 26.53
CA ARG E 145 9.31 6.27 26.38
C ARG E 145 10.62 5.54 26.59
N PRO E 146 11.58 5.63 25.65
CA PRO E 146 12.81 4.83 25.78
C PRO E 146 13.62 5.16 27.03
N VAL E 147 14.12 4.09 27.66
CA VAL E 147 15.03 4.18 28.79
C VAL E 147 16.43 3.84 28.29
N ASN E 148 16.51 2.94 27.31
CA ASN E 148 17.74 2.55 26.65
C ASN E 148 17.87 3.29 25.32
N ASP E 149 18.97 3.02 24.59
CA ASP E 149 19.18 3.70 23.31
C ASP E 149 18.03 3.44 22.35
N MET E 150 17.45 2.24 22.39
CA MET E 150 16.37 1.86 21.50
C MET E 150 15.41 0.98 22.29
N ASN E 151 14.13 1.08 21.98
CA ASN E 151 13.17 0.10 22.48
C ASN E 151 13.28 -1.20 21.67
N ILE E 152 12.66 -2.25 22.18
CA ILE E 152 12.49 -3.48 21.42
C ILE E 152 11.71 -3.19 20.15
N ALA E 153 12.17 -3.75 19.03
CA ALA E 153 11.57 -3.47 17.74
C ALA E 153 10.22 -4.14 17.66
N SER E 154 9.35 -3.66 16.76
CA SER E 154 8.12 -4.40 16.57
C SER E 154 7.69 -4.22 15.12
N GLY E 155 6.98 -5.22 14.59
CA GLY E 155 6.69 -5.13 13.18
C GLY E 155 6.26 -6.45 12.57
N CYS E 156 6.87 -6.84 11.44
CA CYS E 156 6.33 -7.90 10.60
C CYS E 156 7.40 -8.96 10.35
N PRO E 157 7.39 -10.06 11.10
CA PRO E 157 8.35 -11.14 10.82
C PRO E 157 8.14 -11.81 9.47
N LEU E 158 6.92 -11.76 8.92
CA LEU E 158 6.57 -12.42 7.68
C LEU E 158 6.27 -11.36 6.61
N PHE E 159 7.15 -10.38 6.52
CA PHE E 159 6.87 -9.22 5.66
C PHE E 159 6.83 -9.59 4.17
N CYS E 160 7.77 -10.40 3.70
CA CYS E 160 7.89 -10.66 2.27
C CYS E 160 8.56 -12.02 2.09
N PRO E 161 8.01 -12.93 1.29
CA PRO E 161 8.72 -14.18 1.00
C PRO E 161 10.08 -13.92 0.35
N VAL E 162 11.10 -14.70 0.73
CA VAL E 162 12.42 -14.49 0.16
C VAL E 162 12.42 -14.72 -1.34
N SER E 163 11.50 -15.55 -1.84
CA SER E 163 11.43 -15.80 -3.28
C SER E 163 11.15 -14.53 -4.09
N LYS E 164 10.60 -13.49 -3.46
CA LYS E 164 10.37 -12.24 -4.18
C LYS E 164 11.66 -11.45 -4.41
N MET E 165 12.77 -11.87 -3.81
CA MET E 165 14.08 -11.25 -3.99
C MET E 165 14.81 -11.83 -5.20
N GLU E 166 14.22 -12.79 -5.90
CA GLU E 166 14.90 -13.38 -7.06
C GLU E 166 14.81 -12.48 -8.29
N ALA E 167 15.65 -12.82 -9.28
CA ALA E 167 15.80 -12.00 -10.48
C ALA E 167 14.52 -11.94 -11.30
N LYS E 168 13.61 -12.91 -11.13
CA LYS E 168 12.36 -12.88 -11.87
C LYS E 168 11.42 -11.78 -11.39
N ASN E 169 11.68 -11.18 -10.23
CA ASN E 169 10.87 -10.08 -9.72
C ASN E 169 11.65 -8.77 -9.84
N SER E 170 10.97 -7.67 -9.49
CA SER E 170 11.54 -6.34 -9.70
C SER E 170 11.73 -5.58 -8.38
N TYR E 171 11.78 -6.28 -7.24
CA TYR E 171 12.11 -5.61 -5.99
C TYR E 171 13.61 -5.34 -5.88
N VAL E 172 14.43 -6.29 -6.31
CA VAL E 172 15.87 -6.11 -6.42
C VAL E 172 16.18 -5.64 -7.83
N ARG E 173 16.83 -4.48 -7.95
CA ARG E 173 17.25 -4.00 -9.25
C ARG E 173 18.61 -3.35 -9.08
N ASP E 174 19.54 -3.69 -9.96
CA ASP E 174 20.91 -3.20 -9.87
C ASP E 174 21.47 -3.40 -8.46
N ASP E 175 21.13 -4.57 -7.88
CA ASP E 175 21.65 -5.03 -6.60
C ASP E 175 21.29 -4.09 -5.44
N ALA E 176 20.08 -3.53 -5.47
CA ALA E 176 19.62 -2.64 -4.41
C ALA E 176 18.12 -2.84 -4.22
N ILE E 177 17.66 -2.66 -2.99
CA ILE E 177 16.22 -2.62 -2.73
C ILE E 177 15.92 -1.31 -2.02
N PHE E 178 14.64 -0.94 -1.98
CA PHE E 178 14.18 0.29 -1.34
C PHE E 178 13.08 -0.06 -0.34
N ILE E 179 13.26 0.32 0.91
CA ILE E 179 12.26 0.17 1.95
C ILE E 179 11.67 1.55 2.20
N LYS E 180 10.35 1.66 2.29
CA LYS E 180 9.72 2.94 2.63
C LYS E 180 8.91 2.81 3.92
N ALA E 181 9.02 3.82 4.79
CA ALA E 181 8.20 3.88 6.01
C ALA E 181 7.44 5.20 5.99
N ILE E 182 6.16 5.12 6.37
CA ILE E 182 5.32 6.31 6.52
C ILE E 182 4.72 6.25 7.92
N VAL E 183 5.06 7.21 8.75
CA VAL E 183 4.50 7.29 10.09
C VAL E 183 3.41 8.35 10.05
N ASP E 184 2.19 7.96 10.37
CA ASP E 184 1.07 8.87 10.31
C ASP E 184 1.23 9.95 11.38
N LEU E 185 0.95 11.20 11.01
CA LEU E 185 1.20 12.35 11.88
C LEU E 185 -0.06 12.87 12.55
N THR E 186 -1.18 12.15 12.43
CA THR E 186 -2.45 12.59 12.99
C THR E 186 -2.32 12.81 14.49
N GLY E 187 -2.84 13.95 14.98
CA GLY E 187 -2.78 14.26 16.39
C GLY E 187 -1.46 14.82 16.87
N LEU E 188 -0.46 14.92 16.00
CA LEU E 188 0.80 15.55 16.36
C LEU E 188 0.76 16.97 15.78
N ALA F 21 40.05 14.28 3.54
CA ALA F 21 40.51 14.76 4.83
C ALA F 21 39.44 15.64 5.48
N MET F 22 39.90 16.63 6.24
CA MET F 22 38.98 17.63 6.79
C MET F 22 38.26 18.37 5.67
N ALA F 23 38.98 18.66 4.58
CA ALA F 23 38.41 19.44 3.49
C ALA F 23 37.25 18.71 2.82
N ASP F 24 37.32 17.38 2.73
CA ASP F 24 36.25 16.61 2.11
C ASP F 24 34.95 16.73 2.90
N LEU F 25 35.04 16.64 4.24
CA LEU F 25 33.88 16.87 5.09
C LEU F 25 33.39 18.32 4.99
N GLU F 26 34.31 19.29 4.91
CA GLU F 26 33.87 20.68 4.73
C GLU F 26 33.03 20.82 3.46
N GLN F 27 33.48 20.23 2.36
CA GLN F 27 32.73 20.30 1.11
C GLN F 27 31.38 19.61 1.24
N LYS F 28 31.34 18.43 1.87
CA LYS F 28 30.09 17.72 2.01
C LYS F 28 29.10 18.52 2.86
N VAL F 29 29.57 19.12 3.94
CA VAL F 29 28.70 19.91 4.81
C VAL F 29 28.17 21.12 4.05
N LEU F 30 29.03 21.79 3.28
CA LEU F 30 28.56 22.92 2.48
C LEU F 30 27.49 22.50 1.48
N GLU F 31 27.69 21.36 0.83
CA GLU F 31 26.69 20.88 -0.12
C GLU F 31 25.35 20.66 0.56
N MET F 32 25.34 19.98 1.72
CA MET F 32 24.02 19.71 2.28
C MET F 32 23.43 20.93 2.98
N GLU F 33 24.27 21.91 3.38
CA GLU F 33 23.77 23.22 3.76
C GLU F 33 23.01 23.89 2.64
N ALA F 34 23.43 23.66 1.39
CA ALA F 34 22.77 24.32 0.27
C ALA F 34 21.56 23.56 -0.28
N SER F 35 21.45 22.26 -0.03
CA SER F 35 20.43 21.48 -0.72
C SER F 35 19.03 21.89 -0.27
N THR F 36 18.10 21.88 -1.22
CA THR F 36 16.68 22.02 -0.94
C THR F 36 15.94 20.88 -1.63
N TYR F 37 14.72 20.63 -1.16
CA TYR F 37 14.01 19.40 -1.51
C TYR F 37 12.59 19.69 -1.94
N ASP F 38 12.33 20.89 -2.44
CA ASP F 38 10.99 21.26 -2.86
C ASP F 38 10.99 21.91 -4.22
N GLY F 39 12.07 21.73 -4.98
CA GLY F 39 12.11 22.22 -6.34
C GLY F 39 12.34 23.72 -6.45
N VAL F 40 12.64 24.41 -5.35
CA VAL F 40 12.96 25.83 -5.38
C VAL F 40 14.36 26.00 -4.79
N PHE F 41 15.20 26.72 -5.51
CA PHE F 41 16.61 26.80 -5.17
C PHE F 41 17.07 28.21 -5.43
N ILE F 42 17.76 28.80 -4.46
CA ILE F 42 18.43 30.08 -4.65
C ILE F 42 19.94 29.83 -4.57
N TRP F 43 20.64 30.14 -5.67
CA TRP F 43 22.09 30.05 -5.79
C TRP F 43 22.66 31.43 -5.60
N LYS F 44 23.37 31.64 -4.49
CA LYS F 44 24.06 32.90 -4.25
C LYS F 44 25.51 32.75 -4.68
N ILE F 45 25.91 33.55 -5.66
CA ILE F 45 27.26 33.51 -6.18
C ILE F 45 27.99 34.72 -5.63
N SER F 46 28.83 34.49 -4.62
CA SER F 46 29.64 35.51 -3.96
C SER F 46 31.00 35.61 -4.62
N ASP F 47 31.78 36.61 -4.21
CA ASP F 47 33.10 36.85 -4.80
C ASP F 47 32.95 37.01 -6.31
N PHE F 48 31.89 37.72 -6.72
CA PHE F 48 31.47 37.72 -8.11
C PHE F 48 32.53 38.25 -9.05
N ALA F 49 33.21 39.34 -8.67
CA ALA F 49 34.16 39.96 -9.59
C ALA F 49 35.29 39.01 -9.93
N ARG F 50 35.85 38.31 -8.93
CA ARG F 50 36.95 37.39 -9.20
C ARG F 50 36.52 36.24 -10.10
N LYS F 51 35.34 35.67 -9.85
CA LYS F 51 34.85 34.57 -10.68
C LYS F 51 34.59 35.05 -12.12
N ARG F 52 34.10 36.28 -12.26
CA ARG F 52 33.96 36.83 -13.60
C ARG F 52 35.32 36.99 -14.27
N GLN F 53 36.31 37.49 -13.54
CA GLN F 53 37.66 37.68 -14.10
C GLN F 53 38.26 36.35 -14.52
N GLU F 54 37.95 35.28 -13.79
CA GLU F 54 38.41 33.96 -14.16
C GLU F 54 37.67 33.41 -15.37
N ALA F 55 36.38 33.73 -15.52
CA ALA F 55 35.68 33.35 -16.75
C ALA F 55 36.21 34.12 -17.96
N VAL F 56 36.46 35.43 -17.80
CA VAL F 56 36.92 36.24 -18.92
C VAL F 56 38.29 35.77 -19.38
N ALA F 57 39.21 35.52 -18.44
CA ALA F 57 40.55 35.06 -18.77
C ALA F 57 40.54 33.64 -19.31
N GLY F 58 39.44 32.91 -19.20
CA GLY F 58 39.28 31.61 -19.81
C GLY F 58 39.63 30.42 -18.93
N ARG F 59 40.14 30.64 -17.71
CA ARG F 59 40.53 29.52 -16.86
C ARG F 59 39.33 28.72 -16.38
N ILE F 60 38.31 29.39 -15.88
CA ILE F 60 37.15 28.74 -15.28
C ILE F 60 35.93 29.25 -16.03
N PRO F 61 35.68 28.77 -17.24
CA PRO F 61 34.54 29.29 -18.00
C PRO F 61 33.19 29.07 -17.32
N ALA F 62 32.99 27.95 -16.62
CA ALA F 62 31.69 27.62 -16.07
C ALA F 62 31.83 27.18 -14.61
N ILE F 63 30.70 27.28 -13.90
CA ILE F 63 30.63 27.04 -12.46
C ILE F 63 29.40 26.18 -12.21
N PHE F 64 29.53 25.19 -11.35
CA PHE F 64 28.40 24.36 -10.95
C PHE F 64 27.83 24.84 -9.61
N SER F 65 26.50 24.92 -9.54
CA SER F 65 25.80 25.12 -8.27
C SER F 65 25.78 23.84 -7.44
N PRO F 66 25.48 23.97 -6.14
CA PRO F 66 25.12 22.78 -5.35
C PRO F 66 23.88 22.12 -5.94
N ALA F 67 23.67 20.87 -5.54
CA ALA F 67 22.52 20.10 -6.00
C ALA F 67 21.26 20.46 -5.22
N PHE F 68 20.12 20.37 -5.88
CA PHE F 68 18.81 20.48 -5.23
C PHE F 68 17.88 19.46 -5.85
N TYR F 69 16.71 19.30 -5.24
CA TYR F 69 15.85 18.15 -5.52
C TYR F 69 14.39 18.59 -5.65
N THR F 70 13.62 17.78 -6.40
CA THR F 70 12.20 18.06 -6.54
C THR F 70 11.40 17.68 -5.30
N SER F 71 11.91 16.73 -4.51
CA SER F 71 11.29 16.25 -3.27
C SER F 71 12.40 15.58 -2.47
N ARG F 72 12.09 15.12 -1.27
CA ARG F 72 13.14 14.58 -0.41
C ARG F 72 13.87 13.41 -1.07
N TYR F 73 13.16 12.61 -1.87
CA TYR F 73 13.76 11.51 -2.64
C TYR F 73 13.48 11.69 -4.13
N GLY F 74 13.59 12.91 -4.63
CA GLY F 74 13.21 13.23 -5.99
C GLY F 74 14.37 13.28 -6.98
N TYR F 75 14.11 13.93 -8.11
CA TYR F 75 15.17 14.19 -9.09
C TYR F 75 16.29 15.03 -8.45
N LYS F 76 17.53 14.65 -8.74
CA LYS F 76 18.67 15.46 -8.31
C LYS F 76 19.07 16.38 -9.45
N MET F 77 19.26 17.67 -9.15
CA MET F 77 19.42 18.64 -10.21
C MET F 77 20.53 19.60 -9.82
N CYS F 78 21.14 20.28 -10.80
CA CYS F 78 21.97 21.44 -10.46
C CYS F 78 21.99 22.43 -11.61
N LEU F 79 22.64 23.58 -11.37
CA LEU F 79 22.78 24.63 -12.37
C LEU F 79 24.23 24.75 -12.80
N ARG F 80 24.44 25.24 -14.02
CA ARG F 80 25.78 25.55 -14.50
C ARG F 80 25.74 26.93 -15.15
N ILE F 81 26.65 27.80 -14.75
CA ILE F 81 26.68 29.16 -15.27
C ILE F 81 28.02 29.42 -15.95
N TYR F 82 27.97 30.15 -17.07
CA TYR F 82 29.10 30.71 -17.79
C TYR F 82 29.04 32.22 -17.59
N LEU F 83 29.95 32.74 -16.76
CA LEU F 83 29.94 34.16 -16.43
C LEU F 83 30.38 35.02 -17.61
N ASN F 84 31.12 34.44 -18.57
CA ASN F 84 31.44 35.11 -19.83
C ASN F 84 30.83 34.41 -21.03
N GLY F 85 29.87 33.52 -20.81
CA GLY F 85 29.08 32.97 -21.89
C GLY F 85 29.64 31.68 -22.47
N ASP F 86 28.75 30.94 -23.12
CA ASP F 86 29.09 29.73 -23.85
C ASP F 86 28.46 29.78 -25.23
N GLY F 87 29.16 29.19 -26.21
CA GLY F 87 28.62 29.07 -27.54
C GLY F 87 28.28 30.41 -28.14
N THR F 88 27.01 30.59 -28.52
CA THR F 88 26.59 31.86 -29.12
C THR F 88 26.77 33.04 -28.16
N GLY F 89 26.80 32.78 -26.86
CA GLY F 89 26.87 33.82 -25.86
C GLY F 89 28.26 34.23 -25.42
N ARG F 90 29.32 33.58 -25.90
CA ARG F 90 30.65 33.87 -25.37
C ARG F 90 31.07 35.30 -25.67
N GLY F 91 31.54 35.99 -24.64
CA GLY F 91 31.96 37.37 -24.74
C GLY F 91 30.84 38.38 -24.66
N THR F 92 29.58 37.96 -24.73
CA THR F 92 28.45 38.88 -24.80
C THR F 92 27.37 38.61 -23.74
N HIS F 93 27.19 37.35 -23.35
CA HIS F 93 26.08 37.01 -22.47
C HIS F 93 26.53 36.12 -21.33
N LEU F 94 25.82 36.23 -20.21
CA LEU F 94 25.77 35.16 -19.22
C LEU F 94 25.05 33.98 -19.85
N SER F 95 25.60 32.78 -19.71
CA SER F 95 24.93 31.60 -20.23
C SER F 95 24.55 30.72 -19.06
N LEU F 96 23.28 30.30 -18.99
CA LEU F 96 22.80 29.57 -17.82
C LEU F 96 22.15 28.26 -18.23
N PHE F 97 22.54 27.18 -17.57
CA PHE F 97 22.10 25.84 -17.95
C PHE F 97 21.57 25.10 -16.74
N PHE F 98 20.64 24.20 -17.01
CA PHE F 98 20.00 23.31 -16.07
C PHE F 98 20.55 21.91 -16.33
N VAL F 99 20.84 21.18 -15.26
CA VAL F 99 21.52 19.89 -15.33
C VAL F 99 20.71 18.87 -14.53
N VAL F 100 20.38 17.73 -15.16
CA VAL F 100 19.83 16.58 -14.46
C VAL F 100 21.00 15.70 -14.04
N MET F 101 21.01 15.30 -12.78
CA MET F 101 22.16 14.66 -12.16
C MET F 101 21.74 13.24 -11.86
N LYS F 102 22.70 12.32 -11.79
CA LYS F 102 22.37 10.98 -11.33
C LYS F 102 22.01 11.03 -9.84
N GLY F 103 20.77 10.69 -9.52
CA GLY F 103 20.30 10.73 -8.15
C GLY F 103 20.17 9.38 -7.49
N PRO F 104 20.24 9.36 -6.15
CA PRO F 104 20.22 8.08 -5.43
C PRO F 104 18.94 7.29 -5.65
N ASN F 105 17.85 7.96 -6.02
CA ASN F 105 16.54 7.34 -6.13
C ASN F 105 16.06 7.28 -7.57
N ASP F 106 16.96 7.35 -8.56
CA ASP F 106 16.54 7.43 -9.96
C ASP F 106 15.70 6.22 -10.38
N ALA F 107 15.98 5.03 -9.83
CA ALA F 107 15.20 3.85 -10.19
C ALA F 107 13.73 4.00 -9.83
N LEU F 108 13.38 4.87 -8.87
CA LEU F 108 11.99 5.06 -8.47
C LEU F 108 11.25 6.15 -9.26
N LEU F 109 11.93 6.89 -10.13
CA LEU F 109 11.32 8.07 -10.73
C LEU F 109 10.92 7.80 -12.18
N ARG F 110 10.02 8.64 -12.70
CA ARG F 110 9.61 8.53 -14.09
C ARG F 110 10.64 9.19 -14.98
N TRP F 111 10.96 8.54 -16.10
CA TRP F 111 11.86 9.11 -17.07
C TRP F 111 11.20 9.06 -18.45
N PRO F 112 11.54 9.99 -19.35
CA PRO F 112 12.45 11.14 -19.17
C PRO F 112 11.93 12.20 -18.21
N PHE F 113 12.86 12.94 -17.61
CA PHE F 113 12.51 14.13 -16.85
C PHE F 113 11.66 15.05 -17.73
N ASN F 114 10.50 15.49 -17.18
CA ASN F 114 9.51 16.20 -17.98
C ASN F 114 8.85 17.37 -17.22
N GLN F 115 9.58 18.04 -16.33
CA GLN F 115 9.00 19.16 -15.57
C GLN F 115 9.40 20.50 -16.18
N LYS F 116 8.47 21.44 -16.15
CA LYS F 116 8.77 22.82 -16.54
C LYS F 116 9.79 23.42 -15.58
N VAL F 117 10.75 24.17 -16.12
CA VAL F 117 11.82 24.77 -15.32
C VAL F 117 11.83 26.27 -15.59
N THR F 118 11.91 27.06 -14.52
CA THR F 118 12.02 28.50 -14.61
C THR F 118 13.33 28.89 -13.95
N LEU F 119 14.16 29.63 -14.67
CA LEU F 119 15.41 30.14 -14.15
C LEU F 119 15.32 31.66 -14.11
N MET F 120 15.89 32.26 -13.06
CA MET F 120 15.81 33.71 -12.91
C MET F 120 17.12 34.27 -12.37
N LEU F 121 17.52 35.42 -12.90
CA LEU F 121 18.51 36.28 -12.27
C LEU F 121 17.78 37.37 -11.50
N LEU F 122 18.02 37.45 -10.19
CA LEU F 122 17.21 38.31 -9.34
C LEU F 122 17.75 39.74 -9.32
N ASP F 123 16.88 40.69 -9.59
CA ASP F 123 17.20 42.09 -9.35
C ASP F 123 17.16 42.33 -7.84
N GLN F 124 18.25 42.86 -7.30
CA GLN F 124 18.35 43.06 -5.86
C GLN F 124 17.68 44.36 -5.39
N ASN F 125 16.90 45.03 -6.25
CA ASN F 125 15.80 45.89 -5.82
C ASN F 125 14.46 45.38 -6.33
N ASN F 126 14.39 44.08 -6.60
CA ASN F 126 13.20 43.30 -6.92
C ASN F 126 12.23 44.01 -7.86
N ARG F 127 12.76 44.65 -8.90
CA ARG F 127 11.95 45.24 -9.95
C ARG F 127 11.92 44.37 -11.19
N GLU F 128 13.09 44.10 -11.80
CA GLU F 128 13.18 43.47 -13.10
C GLU F 128 14.08 42.24 -12.98
N HIS F 129 13.49 41.10 -12.60
CA HIS F 129 14.23 39.86 -12.71
C HIS F 129 14.36 39.46 -14.18
N VAL F 130 15.47 38.83 -14.52
CA VAL F 130 15.62 38.17 -15.81
C VAL F 130 15.04 36.76 -15.67
N ILE F 131 14.13 36.36 -16.56
CA ILE F 131 13.42 35.11 -16.39
C ILE F 131 13.40 34.32 -17.70
N ASP F 132 13.72 33.04 -17.62
CA ASP F 132 13.68 32.11 -18.73
C ASP F 132 12.87 30.91 -18.26
N ALA F 133 11.98 30.41 -19.11
CA ALA F 133 11.22 29.21 -18.79
C ALA F 133 11.34 28.24 -19.95
N PHE F 134 11.50 26.96 -19.63
CA PHE F 134 11.52 25.97 -20.69
C PHE F 134 10.87 24.68 -20.22
N ARG F 135 10.35 23.95 -21.20
CA ARG F 135 9.90 22.59 -21.11
C ARG F 135 11.00 21.66 -21.60
N PRO F 136 11.26 20.55 -20.93
CA PRO F 136 12.26 19.60 -21.46
C PRO F 136 11.83 19.03 -22.79
N ASP F 137 12.82 18.86 -23.66
CA ASP F 137 12.64 18.10 -24.89
C ASP F 137 12.76 16.62 -24.52
N VAL F 138 11.63 15.90 -24.52
CA VAL F 138 11.62 14.55 -23.97
C VAL F 138 12.36 13.55 -24.83
N THR F 139 12.72 13.91 -26.07
CA THR F 139 13.58 13.05 -26.87
C THR F 139 15.05 13.38 -26.68
N SER F 140 15.37 14.44 -25.95
CA SER F 140 16.74 14.87 -25.78
C SER F 140 17.48 14.01 -24.76
N SER F 141 18.77 13.81 -25.04
CA SER F 141 19.67 13.10 -24.13
C SER F 141 19.82 13.80 -22.78
N SER F 142 19.43 15.07 -22.69
CA SER F 142 19.55 15.82 -21.45
C SER F 142 18.63 15.32 -20.35
N PHE F 143 17.51 14.69 -20.71
CA PHE F 143 16.49 14.37 -19.74
C PHE F 143 16.25 12.88 -19.57
N GLN F 144 17.09 12.01 -20.14
CA GLN F 144 16.94 10.60 -19.88
C GLN F 144 17.45 10.25 -18.49
N ARG F 145 17.22 9.01 -18.08
CA ARG F 145 17.74 8.61 -16.79
C ARG F 145 19.27 8.62 -16.89
N PRO F 146 19.96 9.33 -16.01
CA PRO F 146 21.41 9.48 -16.17
C PRO F 146 22.18 8.17 -16.02
N VAL F 147 23.19 8.02 -16.85
CA VAL F 147 24.15 6.92 -16.73
C VAL F 147 25.45 7.39 -16.10
N ASN F 148 25.88 8.62 -16.39
CA ASN F 148 27.00 9.24 -15.70
C ASN F 148 26.48 10.13 -14.58
N ASP F 149 27.40 10.71 -13.82
CA ASP F 149 26.99 11.53 -12.69
C ASP F 149 26.15 12.72 -13.13
N MET F 150 26.24 13.08 -14.41
CA MET F 150 25.58 14.28 -14.92
C MET F 150 25.16 14.04 -16.35
N ASN F 151 23.92 14.35 -16.68
CA ASN F 151 23.51 14.43 -18.07
C ASN F 151 24.12 15.68 -18.70
N ILE F 152 24.10 15.72 -20.03
CA ILE F 152 24.48 16.92 -20.75
C ILE F 152 23.56 18.07 -20.36
N ALA F 153 24.13 19.26 -20.21
CA ALA F 153 23.35 20.41 -19.74
C ALA F 153 22.38 20.88 -20.83
N SER F 154 21.36 21.61 -20.40
CA SER F 154 20.40 22.21 -21.32
C SER F 154 19.98 23.58 -20.83
N GLY F 155 19.93 24.58 -21.72
CA GLY F 155 19.49 25.88 -21.25
C GLY F 155 19.59 27.05 -22.21
N CYS F 156 19.99 28.20 -21.68
CA CYS F 156 19.93 29.47 -22.39
C CYS F 156 21.33 30.06 -22.58
N PRO F 157 21.90 29.99 -23.80
CA PRO F 157 23.19 30.65 -24.04
C PRO F 157 23.12 32.16 -23.98
N LEU F 158 21.97 32.76 -24.28
CA LEU F 158 21.82 34.22 -24.32
C LEU F 158 20.98 34.71 -23.13
N PHE F 159 21.27 34.18 -21.94
CA PHE F 159 20.41 34.44 -20.79
C PHE F 159 20.44 35.91 -20.37
N CYS F 160 21.62 36.54 -20.32
CA CYS F 160 21.70 37.92 -19.85
C CYS F 160 22.94 38.64 -20.39
N PRO F 161 22.82 39.84 -20.95
CA PRO F 161 24.01 40.55 -21.43
C PRO F 161 24.96 40.85 -20.28
N VAL F 162 26.25 40.64 -20.53
CA VAL F 162 27.25 40.87 -19.49
C VAL F 162 27.22 42.32 -19.02
N SER F 163 26.78 43.24 -19.89
CA SER F 163 26.71 44.64 -19.53
C SER F 163 25.75 44.88 -18.35
N LYS F 164 24.76 44.01 -18.15
CA LYS F 164 23.88 44.15 -16.99
C LYS F 164 24.55 43.78 -15.67
N MET F 165 25.77 43.26 -15.71
CA MET F 165 26.58 43.02 -14.52
C MET F 165 27.35 44.25 -14.05
N GLU F 166 27.13 45.41 -14.68
CA GLU F 166 27.84 46.62 -14.29
C GLU F 166 27.21 47.24 -13.04
N ALA F 167 27.99 48.12 -12.39
CA ALA F 167 27.52 48.78 -11.17
C ALA F 167 26.33 49.70 -11.43
N LYS F 168 26.11 50.10 -12.69
CA LYS F 168 24.95 50.89 -13.06
C LYS F 168 23.64 50.11 -12.90
N ASN F 169 23.70 48.79 -12.82
CA ASN F 169 22.57 47.91 -12.61
C ASN F 169 22.62 47.30 -11.21
N SER F 170 21.52 46.63 -10.84
CA SER F 170 21.36 46.13 -9.48
C SER F 170 21.30 44.62 -9.41
N TYR F 171 21.79 43.91 -10.43
CA TYR F 171 21.93 42.46 -10.30
C TYR F 171 23.12 42.10 -9.43
N VAL F 172 24.24 42.78 -9.63
CA VAL F 172 25.40 42.63 -8.76
C VAL F 172 25.31 43.69 -7.67
N ARG F 173 25.11 43.25 -6.44
CA ARG F 173 25.18 44.13 -5.29
C ARG F 173 26.07 43.47 -4.24
N ASP F 174 27.00 44.24 -3.69
CA ASP F 174 27.91 43.74 -2.67
C ASP F 174 28.67 42.52 -3.17
N ASP F 175 29.09 42.56 -4.44
CA ASP F 175 29.92 41.54 -5.08
C ASP F 175 29.25 40.16 -5.10
N ALA F 176 27.92 40.12 -5.22
CA ALA F 176 27.21 38.85 -5.27
C ALA F 176 26.03 38.96 -6.23
N ILE F 177 25.67 37.82 -6.81
CA ILE F 177 24.42 37.73 -7.56
C ILE F 177 23.62 36.53 -7.04
N PHE F 178 22.33 36.54 -7.35
CA PHE F 178 21.38 35.53 -6.88
C PHE F 178 20.67 34.99 -8.11
N ILE F 179 20.73 33.67 -8.28
CA ILE F 179 19.99 32.94 -9.30
C ILE F 179 18.91 32.13 -8.60
N LYS F 180 17.69 32.19 -9.10
CA LYS F 180 16.61 31.39 -8.55
C LYS F 180 16.14 30.38 -9.58
N ALA F 181 15.91 29.16 -9.13
CA ALA F 181 15.44 28.07 -9.99
C ALA F 181 14.16 27.52 -9.38
N ILE F 182 13.13 27.38 -10.20
CA ILE F 182 11.84 26.86 -9.77
C ILE F 182 11.48 25.72 -10.71
N VAL F 183 11.40 24.51 -10.16
CA VAL F 183 11.03 23.34 -10.95
C VAL F 183 9.58 23.04 -10.65
N ASP F 184 8.73 23.11 -11.67
CA ASP F 184 7.32 22.81 -11.48
C ASP F 184 7.15 21.35 -11.06
N LEU F 185 6.24 21.11 -10.11
CA LEU F 185 6.08 19.78 -9.53
C LEU F 185 4.80 19.08 -9.98
N THR F 186 4.06 19.63 -10.94
CA THR F 186 2.84 18.99 -11.43
C THR F 186 3.11 17.58 -11.92
N GLY F 187 2.23 16.65 -11.54
CA GLY F 187 2.37 15.25 -11.89
C GLY F 187 3.31 14.46 -11.03
N LEU F 188 3.94 15.06 -10.02
CA LEU F 188 4.88 14.32 -9.18
C LEU F 188 4.29 14.00 -7.81
N PRO G 1 -16.64 -49.96 1.71
CA PRO G 1 -17.95 -49.30 1.65
C PRO G 1 -19.10 -50.26 1.31
N ILE G 2 -20.18 -50.14 2.07
CA ILE G 2 -21.39 -50.93 1.87
C ILE G 2 -22.38 -50.06 1.11
N GLN G 3 -23.02 -50.63 0.09
CA GLN G 3 -23.97 -49.90 -0.73
C GLN G 3 -25.27 -49.68 0.03
N ALA G 4 -25.94 -48.57 -0.28
CA ALA G 4 -27.27 -48.34 0.27
C ALA G 4 -28.26 -49.32 -0.36
N SER G 5 -29.36 -49.57 0.35
CA SER G 5 -30.34 -50.56 -0.09
C SER G 5 -31.26 -50.00 -1.17
N PRO H 1 -9.79 -0.02 16.88
CA PRO H 1 -10.92 0.39 16.03
C PRO H 1 -12.02 1.11 16.83
N ILE H 2 -12.74 2.00 16.17
CA ILE H 2 -13.82 2.77 16.77
C ILE H 2 -15.13 2.35 16.11
N GLN H 3 -16.17 2.18 16.92
CA GLN H 3 -17.45 1.72 16.42
C GLN H 3 -18.18 2.85 15.68
N ALA H 4 -18.93 2.47 14.65
CA ALA H 4 -19.77 3.41 13.93
C ALA H 4 -20.86 3.92 14.86
N SER H 5 -21.15 5.21 14.78
CA SER H 5 -22.13 5.82 15.67
C SER H 5 -23.55 5.43 15.26
N PRO I 1 10.68 45.53 23.56
CA PRO I 1 11.83 44.69 23.90
C PRO I 1 13.00 45.52 24.39
N ILE I 2 13.76 45.02 25.36
CA ILE I 2 14.86 45.75 25.98
C ILE I 2 16.16 45.13 25.53
N GLN I 3 17.08 45.96 25.03
CA GLN I 3 18.35 45.47 24.54
C GLN I 3 19.22 45.00 25.70
N ALA I 4 20.04 43.98 25.43
CA ALA I 4 20.94 43.46 26.44
C ALA I 4 21.96 44.53 26.82
N SER I 5 22.42 44.49 28.07
CA SER I 5 23.44 45.42 28.53
C SER I 5 24.83 45.01 28.07
#